data_3AZD
# 
_entry.id   3AZD 
# 
_audit_conform.dict_name       mmcif_pdbx.dic 
_audit_conform.dict_version    5.380 
_audit_conform.dict_location   http://mmcif.pdb.org/dictionaries/ascii/mmcif_pdbx.dic 
# 
loop_
_database_2.database_id 
_database_2.database_code 
_database_2.pdbx_database_accession 
_database_2.pdbx_DOI 
PDB   3AZD         pdb_00003azd 10.2210/pdb3azd/pdb 
RCSB  RCSB029884   ?            ?                   
WWPDB D_1000029884 ?            ?                   
# 
_pdbx_database_status.status_code                     REL 
_pdbx_database_status.entry_id                        3AZD 
_pdbx_database_status.recvd_initial_deposition_date   2011-05-23 
_pdbx_database_status.deposit_site                    PDBJ 
_pdbx_database_status.process_site                    PDBJ 
_pdbx_database_status.status_code_sf                  REL 
_pdbx_database_status.status_code_mr                  ? 
_pdbx_database_status.SG_entry                        ? 
_pdbx_database_status.status_code_cs                  ? 
_pdbx_database_status.pdb_format_compatible           Y 
_pdbx_database_status.methods_development_category    ? 
_pdbx_database_status.status_code_nmr_data            ? 
# 
loop_
_audit_author.name 
_audit_author.pdbx_ordinal 
_audit_author.identifier_ORCID 
'Meshcheryakov, V.A.' 1 ? 
'Krieger, I.'         2 ? 
'Kostyukova, A.S.'    3 ? 
'Samatey, F.A.'       4 ? 
# 
_citation.id                        primary 
_citation.title                     'Structure of a tropomyosin N-terminal fragment at 0.98   A resolution' 
_citation.journal_abbrev            'Acta Crystallogr.,Sect.D' 
_citation.journal_volume            67 
_citation.page_first                822 
_citation.page_last                 825 
_citation.year                      2011 
_citation.journal_id_ASTM           ABCRE6 
_citation.country                   DK 
_citation.journal_id_ISSN           0907-4449 
_citation.journal_id_CSD            0766 
_citation.book_publisher            ? 
_citation.pdbx_database_id_PubMed   21904035 
_citation.pdbx_database_id_DOI      10.1107/S090744491102645X 
# 
loop_
_citation_author.citation_id 
_citation_author.name 
_citation_author.ordinal 
_citation_author.identifier_ORCID 
primary 'Meshcheryakov, V.A.' 1 ? 
primary 'Krieger, I.'         2 ? 
primary 'Kostyukova, A.S.'    3 ? 
primary 'Samatey, F.A.'       4 ? 
# 
_cell.entry_id           3AZD 
_cell.length_a           33.000 
_cell.length_b           33.000 
_cell.length_c           52.030 
_cell.angle_alpha        90.00 
_cell.angle_beta         90.00 
_cell.angle_gamma        120.00 
_cell.Z_PDB              6 
_cell.pdbx_unique_axis   ? 
_cell.length_a_esd       ? 
_cell.length_b_esd       ? 
_cell.length_c_esd       ? 
_cell.angle_alpha_esd    ? 
_cell.angle_beta_esd     ? 
_cell.angle_gamma_esd    ? 
# 
_symmetry.entry_id                         3AZD 
_symmetry.space_group_name_H-M             'P 31' 
_symmetry.pdbx_full_space_group_name_H-M   ? 
_symmetry.cell_setting                     ? 
_symmetry.Int_Tables_number                144 
_symmetry.space_group_name_Hall            ? 
# 
loop_
_entity.id 
_entity.type 
_entity.src_method 
_entity.pdbx_description 
_entity.formula_weight 
_entity.pdbx_number_of_molecules 
_entity.pdbx_ec 
_entity.pdbx_mutation 
_entity.pdbx_fragment 
_entity.details 
1 polymer syn 'short alpha-tropomyosin,transcription factor GCN4' 4274.863 2  ? ? ? 
'chimera of short rat alpha-tropomyosin and yeast transcription factor GCN4' 
2 water   nat water                                               18.015   91 ? ? ? ? 
# 
_entity_poly.entity_id                      1 
_entity_poly.type                           'polypeptide(L)' 
_entity_poly.nstd_linkage                   no 
_entity_poly.nstd_monomer                   no 
_entity_poly.pdbx_seq_one_letter_code       AGSSSLEAVRRKIRSLQEQNYHLENEVARLKKLVGER 
_entity_poly.pdbx_seq_one_letter_code_can   AGSSSLEAVRRKIRSLQEQNYHLENEVARLKKLVGER 
_entity_poly.pdbx_strand_id                 A,B 
_entity_poly.pdbx_target_identifier         ? 
# 
loop_
_entity_poly_seq.entity_id 
_entity_poly_seq.num 
_entity_poly_seq.mon_id 
_entity_poly_seq.hetero 
1 1  ALA n 
1 2  GLY n 
1 3  SER n 
1 4  SER n 
1 5  SER n 
1 6  LEU n 
1 7  GLU n 
1 8  ALA n 
1 9  VAL n 
1 10 ARG n 
1 11 ARG n 
1 12 LYS n 
1 13 ILE n 
1 14 ARG n 
1 15 SER n 
1 16 LEU n 
1 17 GLN n 
1 18 GLU n 
1 19 GLN n 
1 20 ASN n 
1 21 TYR n 
1 22 HIS n 
1 23 LEU n 
1 24 GLU n 
1 25 ASN n 
1 26 GLU n 
1 27 VAL n 
1 28 ALA n 
1 29 ARG n 
1 30 LEU n 
1 31 LYS n 
1 32 LYS n 
1 33 LEU n 
1 34 VAL n 
1 35 GLY n 
1 36 GLU n 
1 37 ARG n 
# 
loop_
_pdbx_entity_src_syn.entity_id 
_pdbx_entity_src_syn.pdbx_src_id 
_pdbx_entity_src_syn.pdbx_alt_source_flag 
_pdbx_entity_src_syn.pdbx_beg_seq_num 
_pdbx_entity_src_syn.pdbx_end_seq_num 
_pdbx_entity_src_syn.organism_scientific 
_pdbx_entity_src_syn.organism_common_name 
_pdbx_entity_src_syn.ncbi_taxonomy_id 
_pdbx_entity_src_syn.details 
1 1 sample 1  19 'Rattus norvegicus'              Rat   10116  'Chemically synthesized tropomyosin fragment' 
1 2 sample 20 37 'Saccharomyces cerevisiae S288c' yeast 559292 'Chemically synthesized tropomyosin fragment' 
# 
loop_
_struct_ref.id 
_struct_ref.db_name 
_struct_ref.db_code 
_struct_ref.pdbx_db_accession 
_struct_ref.pdbx_db_isoform 
_struct_ref.entity_id 
_struct_ref.pdbx_seq_one_letter_code 
_struct_ref.pdbx_align_begin 
1 UNP Q6AZ25_RAT Q6AZ25 ? 1 AGSSSLEAVRRKIRSLQEQ 2   
2 UNP GCN4_YEAST P03069 ? 1 NYHLENEVARLKKLVGER  264 
# 
loop_
_struct_ref_seq.align_id 
_struct_ref_seq.ref_id 
_struct_ref_seq.pdbx_PDB_id_code 
_struct_ref_seq.pdbx_strand_id 
_struct_ref_seq.seq_align_beg 
_struct_ref_seq.pdbx_seq_align_beg_ins_code 
_struct_ref_seq.seq_align_end 
_struct_ref_seq.pdbx_seq_align_end_ins_code 
_struct_ref_seq.pdbx_db_accession 
_struct_ref_seq.db_align_beg 
_struct_ref_seq.pdbx_db_align_beg_ins_code 
_struct_ref_seq.db_align_end 
_struct_ref_seq.pdbx_db_align_end_ins_code 
_struct_ref_seq.pdbx_auth_seq_align_beg 
_struct_ref_seq.pdbx_auth_seq_align_end 
1 1 3AZD A 1  ? 19 ? Q6AZ25 2   ? 20  ? 1  19 
2 2 3AZD A 20 ? 37 ? P03069 264 ? 281 ? 20 37 
3 1 3AZD B 1  ? 19 ? Q6AZ25 2   ? 20  ? 1  19 
4 2 3AZD B 20 ? 37 ? P03069 264 ? 281 ? 20 37 
# 
loop_
_chem_comp.id 
_chem_comp.type 
_chem_comp.mon_nstd_flag 
_chem_comp.name 
_chem_comp.pdbx_synonyms 
_chem_comp.formula 
_chem_comp.formula_weight 
ALA 'L-peptide linking' y ALANINE         ? 'C3 H7 N O2'     89.093  
ARG 'L-peptide linking' y ARGININE        ? 'C6 H15 N4 O2 1' 175.209 
ASN 'L-peptide linking' y ASPARAGINE      ? 'C4 H8 N2 O3'    132.118 
GLN 'L-peptide linking' y GLUTAMINE       ? 'C5 H10 N2 O3'   146.144 
GLU 'L-peptide linking' y 'GLUTAMIC ACID' ? 'C5 H9 N O4'     147.129 
GLY 'peptide linking'   y GLYCINE         ? 'C2 H5 N O2'     75.067  
HIS 'L-peptide linking' y HISTIDINE       ? 'C6 H10 N3 O2 1' 156.162 
HOH non-polymer         . WATER           ? 'H2 O'           18.015  
ILE 'L-peptide linking' y ISOLEUCINE      ? 'C6 H13 N O2'    131.173 
LEU 'L-peptide linking' y LEUCINE         ? 'C6 H13 N O2'    131.173 
LYS 'L-peptide linking' y LYSINE          ? 'C6 H15 N2 O2 1' 147.195 
SER 'L-peptide linking' y SERINE          ? 'C3 H7 N O3'     105.093 
TYR 'L-peptide linking' y TYROSINE        ? 'C9 H11 N O3'    181.189 
VAL 'L-peptide linking' y VALINE          ? 'C5 H11 N O2'    117.146 
# 
_exptl.entry_id          3AZD 
_exptl.method            'X-RAY DIFFRACTION' 
_exptl.crystals_number   1 
# 
_exptl_crystal.id                    1 
_exptl_crystal.density_meas          ? 
_exptl_crystal.density_Matthews      1.91 
_exptl_crystal.density_percent_sol   35.71 
_exptl_crystal.description           ? 
_exptl_crystal.F_000                 ? 
_exptl_crystal.preparation           ? 
# 
_exptl_crystal_grow.crystal_id      1 
_exptl_crystal_grow.method          'VAPOR DIFFUSION, HANGING DROP' 
_exptl_crystal_grow.temp            293 
_exptl_crystal_grow.temp_details    ? 
_exptl_crystal_grow.pH              7.0 
_exptl_crystal_grow.pdbx_details    '0.17M ammonium sulfate, 10% PEG 4000, pH 7.0, VAPOR DIFFUSION, HANGING DROP, temperature 293K' 
_exptl_crystal_grow.pdbx_pH_range   . 
# 
_diffrn.id                     1 
_diffrn.ambient_temp           100 
_diffrn.ambient_temp_details   ? 
_diffrn.crystal_id             1 
# 
_diffrn_detector.diffrn_id              1 
_diffrn_detector.detector               CCD 
_diffrn_detector.type                   'RAYONIX MX225HE' 
_diffrn_detector.pdbx_collection_date   2009-04-18 
_diffrn_detector.details                ? 
# 
_diffrn_radiation.diffrn_id                        1 
_diffrn_radiation.wavelength_id                    1 
_diffrn_radiation.pdbx_monochromatic_or_laue_m_l   M 
_diffrn_radiation.monochromator                    'SI 111' 
_diffrn_radiation.pdbx_diffrn_protocol             'SINGLE WAVELENGTH' 
_diffrn_radiation.pdbx_scattering_type             x-ray 
# 
_diffrn_radiation_wavelength.id           1 
_diffrn_radiation_wavelength.wavelength   0.8 
_diffrn_radiation_wavelength.wt           1.0 
# 
_diffrn_source.diffrn_id                   1 
_diffrn_source.source                      SYNCHROTRON 
_diffrn_source.type                        'SPRING-8 BEAMLINE BL41XU' 
_diffrn_source.pdbx_synchrotron_site       SPring-8 
_diffrn_source.pdbx_synchrotron_beamline   BL41XU 
_diffrn_source.pdbx_wavelength             ? 
_diffrn_source.pdbx_wavelength_list        0.8 
# 
_reflns.entry_id                     3AZD 
_reflns.observed_criterion_sigma_I   0 
_reflns.observed_criterion_sigma_F   0 
_reflns.d_resolution_low             15.73 
_reflns.d_resolution_high            0.98 
_reflns.number_obs                   34162 
_reflns.number_all                   34162 
_reflns.percent_possible_obs         98.7 
_reflns.pdbx_Rmerge_I_obs            ? 
_reflns.pdbx_Rsym_value              ? 
_reflns.pdbx_netI_over_sigmaI        ? 
_reflns.B_iso_Wilson_estimate        ? 
_reflns.pdbx_redundancy              ? 
_reflns.R_free_details               ? 
_reflns.limit_h_max                  ? 
_reflns.limit_h_min                  ? 
_reflns.limit_k_max                  ? 
_reflns.limit_k_min                  ? 
_reflns.limit_l_max                  ? 
_reflns.limit_l_min                  ? 
_reflns.observed_criterion_F_max     ? 
_reflns.observed_criterion_F_min     ? 
_reflns.pdbx_chi_squared             ? 
_reflns.pdbx_scaling_rejects         ? 
_reflns.pdbx_ordinal                 1 
_reflns.pdbx_diffrn_id               1 
# 
_reflns_shell.d_res_high                  0.98 
_reflns_shell.d_res_low                   1.03 
_reflns_shell.percent_possible_all        100 
_reflns_shell.Rmerge_I_obs                ? 
_reflns_shell.pdbx_Rsym_value             ? 
_reflns_shell.meanI_over_sigI_obs         ? 
_reflns_shell.pdbx_redundancy             ? 
_reflns_shell.percent_possible_obs        ? 
_reflns_shell.number_unique_all           ? 
_reflns_shell.number_measured_all         ? 
_reflns_shell.number_measured_obs         ? 
_reflns_shell.number_unique_obs           ? 
_reflns_shell.pdbx_chi_squared            ? 
_reflns_shell.pdbx_rejects                ? 
_reflns_shell.pdbx_netI_over_sigmaI_obs   ? 
_reflns_shell.number_possible             ? 
_reflns_shell.Rmerge_F_all                ? 
_reflns_shell.Rmerge_F_obs                ? 
_reflns_shell.Rmerge_I_all                ? 
_reflns_shell.meanI_over_sigI_all         ? 
_reflns_shell.pdbx_Rrim_I_all             ? 
_reflns_shell.pdbx_Rpim_I_all             ? 
_reflns_shell.pdbx_ordinal                1 
_reflns_shell.pdbx_diffrn_id              1 
# 
_refine.entry_id                                 3AZD 
_refine.ls_number_reflns_obs                     34162 
_refine.ls_number_reflns_all                     34162 
_refine.pdbx_ls_sigma_I                          ? 
_refine.pdbx_ls_sigma_F                          ? 
_refine.pdbx_data_cutoff_high_absF               ? 
_refine.pdbx_data_cutoff_low_absF                ? 
_refine.pdbx_data_cutoff_high_rms_absF           ? 
_refine.ls_d_res_low                             14.29 
_refine.ls_d_res_high                            0.98 
_refine.ls_percent_reflns_obs                    98.74 
_refine.ls_R_factor_obs                          0.16753 
_refine.ls_R_factor_all                          ? 
_refine.ls_R_factor_R_work                       0.16737 
_refine.ls_R_factor_R_free                       0.17084 
_refine.ls_R_factor_R_free_error                 ? 
_refine.ls_R_factor_R_free_error_details         ? 
_refine.ls_percent_reflns_R_free                 5.0 
_refine.ls_number_reflns_R_free                  1799 
_refine.ls_number_parameters                     ? 
_refine.ls_number_restraints                     ? 
_refine.occupancy_min                            ? 
_refine.occupancy_max                            ? 
_refine.correlation_coeff_Fo_to_Fc               0.966 
_refine.correlation_coeff_Fo_to_Fc_free          0.961 
_refine.B_iso_mean                               13.560 
_refine.aniso_B[1][1]                            0.03 
_refine.aniso_B[2][2]                            0.03 
_refine.aniso_B[3][3]                            -0.06 
_refine.aniso_B[1][2]                            0.00 
_refine.aniso_B[1][3]                            0.00 
_refine.aniso_B[2][3]                            0.00 
_refine.solvent_model_details                    MASK 
_refine.solvent_model_param_ksol                 ? 
_refine.solvent_model_param_bsol                 ? 
_refine.pdbx_solvent_vdw_probe_radii             1.40 
_refine.pdbx_solvent_ion_probe_radii             0.80 
_refine.pdbx_solvent_shrinkage_radii             0.80 
_refine.pdbx_ls_cross_valid_method               THROUGHOUT 
_refine.details                                  'HYDROGENS HAVE BEEN ADDED IN THE RIDING POSITIONS' 
_refine.pdbx_starting_model                      '1IHQ model1' 
_refine.pdbx_method_to_determine_struct          'MOLECULAR REPLACEMENT' 
_refine.pdbx_isotropic_thermal_model             ? 
_refine.pdbx_stereochemistry_target_values       'MAXIMUM LIKELIHOOD' 
_refine.pdbx_stereochem_target_val_spec_case     ? 
_refine.pdbx_R_Free_selection_details            RANDOM 
_refine.pdbx_overall_ESU_R_Free                  0.005 
_refine.overall_SU_ML                            0.008 
_refine.pdbx_overall_phase_error                 ? 
_refine.overall_SU_B                             0.144 
_refine.overall_SU_R_Cruickshank_DPI             ? 
_refine.ls_redundancy_reflns_obs                 ? 
_refine.B_iso_min                                ? 
_refine.B_iso_max                                ? 
_refine.overall_SU_R_free                        ? 
_refine.ls_wR_factor_R_free                      ? 
_refine.ls_wR_factor_R_work                      ? 
_refine.overall_FOM_free_R_set                   ? 
_refine.overall_FOM_work_R_set                   ? 
_refine.pdbx_diffrn_id                           1 
_refine.pdbx_refine_id                           'X-RAY DIFFRACTION' 
_refine.pdbx_overall_ESU_R                       ? 
_refine.pdbx_TLS_residual_ADP_flag               ? 
_refine.pdbx_overall_SU_R_free_Cruickshank_DPI   ? 
_refine.pdbx_overall_SU_R_Blow_DPI               ? 
_refine.pdbx_overall_SU_R_free_Blow_DPI          ? 
# 
_refine_hist.pdbx_refine_id                   'X-RAY DIFFRACTION' 
_refine_hist.cycle_id                         LAST 
_refine_hist.pdbx_number_atoms_protein        504 
_refine_hist.pdbx_number_atoms_nucleic_acid   0 
_refine_hist.pdbx_number_atoms_ligand         0 
_refine_hist.number_atoms_solvent             91 
_refine_hist.number_atoms_total               595 
_refine_hist.d_res_high                       0.98 
_refine_hist.d_res_low                        14.29 
# 
loop_
_refine_ls_restr.type 
_refine_ls_restr.dev_ideal 
_refine_ls_restr.dev_ideal_target 
_refine_ls_restr.weight 
_refine_ls_restr.number 
_refine_ls_restr.pdbx_restraint_function 
_refine_ls_restr.pdbx_refine_id 
r_bond_refined_d       0.019  0.022  ? 506 ? 'X-RAY DIFFRACTION' 
r_angle_refined_deg    2.415  1.983  ? 672 ? 'X-RAY DIFFRACTION' 
r_dihedral_angle_1_deg 7.904  5.000  ? 58  ? 'X-RAY DIFFRACTION' 
r_dihedral_angle_2_deg 37.527 22.857 ? 28  ? 'X-RAY DIFFRACTION' 
r_dihedral_angle_3_deg 22.180 15.000 ? 112 ? 'X-RAY DIFFRACTION' 
r_dihedral_angle_4_deg 21.712 15.000 ? 8   ? 'X-RAY DIFFRACTION' 
r_chiral_restr         0.130  0.200  ? 76  ? 'X-RAY DIFFRACTION' 
r_gen_planes_refined   0.008  0.020  ? 364 ? 'X-RAY DIFFRACTION' 
r_mcbond_it            1.403  1.500  ? 296 ? 'X-RAY DIFFRACTION' 
r_mcangle_it           1.875  2.000  ? 472 ? 'X-RAY DIFFRACTION' 
r_scbond_it            2.744  3.000  ? 210 ? 'X-RAY DIFFRACTION' 
r_scangle_it           3.017  4.500  ? 200 ? 'X-RAY DIFFRACTION' 
# 
_refine_ls_shell.pdbx_refine_id                   'X-RAY DIFFRACTION' 
_refine_ls_shell.pdbx_total_number_of_bins_used   20 
_refine_ls_shell.d_res_high                       0.980 
_refine_ls_shell.d_res_low                        1.005 
_refine_ls_shell.number_reflns_R_work             2554 
_refine_ls_shell.R_factor_R_work                  0.319 
_refine_ls_shell.percent_reflns_obs               99.26 
_refine_ls_shell.R_factor_R_free                  0.328 
_refine_ls_shell.R_factor_R_free_error            ? 
_refine_ls_shell.percent_reflns_R_free            ? 
_refine_ls_shell.number_reflns_R_free             135 
_refine_ls_shell.number_reflns_all                ? 
_refine_ls_shell.R_factor_all                     ? 
_refine_ls_shell.number_reflns_obs                ? 
_refine_ls_shell.redundancy_reflns_obs            ? 
# 
_struct.entry_id                  3AZD 
_struct.title                     'Crystal structure of tropomyosin N-terminal fragment at 0.98A resolution' 
_struct.pdbx_model_details        ? 
_struct.pdbx_CASP_flag            ? 
_struct.pdbx_model_type_details   ? 
# 
_struct_keywords.entry_id        3AZD 
_struct_keywords.pdbx_keywords   'ACTIN-BINDING PROTEIN' 
_struct_keywords.text            'coiled-coil, actin-binding protein, muscle protein' 
# 
loop_
_struct_asym.id 
_struct_asym.pdbx_blank_PDB_chainid_flag 
_struct_asym.pdbx_modified 
_struct_asym.entity_id 
_struct_asym.details 
A N N 1 ? 
B N N 1 ? 
C N N 2 ? 
D N N 2 ? 
# 
loop_
_struct_conf.conf_type_id 
_struct_conf.id 
_struct_conf.pdbx_PDB_helix_id 
_struct_conf.beg_label_comp_id 
_struct_conf.beg_label_asym_id 
_struct_conf.beg_label_seq_id 
_struct_conf.pdbx_beg_PDB_ins_code 
_struct_conf.end_label_comp_id 
_struct_conf.end_label_asym_id 
_struct_conf.end_label_seq_id 
_struct_conf.pdbx_end_PDB_ins_code 
_struct_conf.beg_auth_comp_id 
_struct_conf.beg_auth_asym_id 
_struct_conf.beg_auth_seq_id 
_struct_conf.end_auth_comp_id 
_struct_conf.end_auth_asym_id 
_struct_conf.end_auth_seq_id 
_struct_conf.pdbx_PDB_helix_class 
_struct_conf.details 
_struct_conf.pdbx_PDB_helix_length 
HELX_P HELX_P1 1 LEU A 6  ? ASN A 20 ? LEU A 6  ASN A 20 1 ? 15 
HELX_P HELX_P2 2 LEU A 23 ? LYS A 32 ? LEU A 23 LYS A 32 1 ? 10 
HELX_P HELX_P3 3 LEU B 6  ? GLY B 35 ? LEU B 6  GLY B 35 1 ? 30 
# 
_struct_conf_type.id          HELX_P 
_struct_conf_type.criteria    ? 
_struct_conf_type.reference   ? 
# 
_atom_sites.entry_id                    3AZD 
_atom_sites.fract_transf_matrix[1][1]   -0.00782850 
_atom_sites.fract_transf_matrix[1][2]   -0.02680638 
_atom_sites.fract_transf_matrix[1][3]   -0.02108268 
_atom_sites.fract_transf_matrix[2][1]   -0.01208760 
_atom_sites.fract_transf_matrix[2][2]   -0.02993001 
_atom_sites.fract_transf_matrix[2][3]   0.01350756 
_atom_sites.fract_transf_matrix[3][1]   -0.01800121 
_atom_sites.fract_transf_matrix[3][2]   0.00653607 
_atom_sites.fract_transf_matrix[3][3]   -0.00162626 
_atom_sites.fract_transf_vector[1]      0.114754 
_atom_sites.fract_transf_vector[2]      0.089468 
_atom_sites.fract_transf_vector[3]      -0.011223 
# 
loop_
_atom_type.symbol 
C 
N 
O 
# 
loop_
_atom_site.group_PDB 
_atom_site.id 
_atom_site.type_symbol 
_atom_site.label_atom_id 
_atom_site.label_alt_id 
_atom_site.label_comp_id 
_atom_site.label_asym_id 
_atom_site.label_entity_id 
_atom_site.label_seq_id 
_atom_site.pdbx_PDB_ins_code 
_atom_site.Cartn_x 
_atom_site.Cartn_y 
_atom_site.Cartn_z 
_atom_site.occupancy 
_atom_site.B_iso_or_equiv 
_atom_site.pdbx_formal_charge 
_atom_site.auth_seq_id 
_atom_site.auth_comp_id 
_atom_site.auth_asym_id 
_atom_site.auth_atom_id 
_atom_site.pdbx_PDB_model_num 
ATOM   1   N N   . LEU A 1 6  ? 2.588   9.296   -20.010 1.00 16.74 ? 6  LEU A N   1 
ATOM   2   C CA  . LEU A 1 6  ? 2.761   7.976   -19.332 1.00 16.10 ? 6  LEU A CA  1 
ATOM   3   C C   . LEU A 1 6  ? 3.231   8.196   -17.901 1.00 16.32 ? 6  LEU A C   1 
ATOM   4   O O   . LEU A 1 6  ? 2.735   7.570   -16.970 1.00 16.35 ? 6  LEU A O   1 
ATOM   5   C CB  . LEU A 1 6  ? 3.763   7.102   -20.107 1.00 16.19 ? 6  LEU A CB  1 
ATOM   6   C CG  . LEU A 1 6  ? 3.971   5.618   -19.777 1.00 11.53 ? 6  LEU A CG  1 
ATOM   7   C CD1 . LEU A 1 6  ? 2.649   4.894   -19.794 1.00 12.71 ? 6  LEU A CD1 1 
ATOM   8   C CD2 . LEU A 1 6  ? 4.933   4.948   -20.740 1.00 13.55 ? 6  LEU A CD2 1 
ATOM   9   N N   . GLU A 1 7  ? 4.160   9.107   -17.728 1.00 16.25 ? 7  GLU A N   1 
ATOM   10  C CA  . GLU A 1 7  ? 4.825   9.378   -16.480 1.00 15.88 ? 7  GLU A CA  1 
ATOM   11  C C   . GLU A 1 7  ? 3.949   9.571   -15.221 1.00 16.31 ? 7  GLU A C   1 
ATOM   12  O O   . GLU A 1 7  ? 4.450   9.414   -14.158 1.00 17.30 ? 7  GLU A O   1 
ATOM   13  C CB  . GLU A 1 7  ? 5.675   10.634  -16.646 1.00 15.76 ? 7  GLU A CB  1 
ATOM   14  C CG  . GLU A 1 7  ? 5.012   11.730  -17.479 1.00 12.09 ? 7  GLU A CG  1 
ATOM   15  C CD  . GLU A 1 7  ? 5.995   12.582  -18.292 1.00 10.70 ? 7  GLU A CD  1 
ATOM   16  O OE1 . GLU A 1 7  ? 6.534   13.482  -17.675 1.00 9.90  ? 7  GLU A OE1 1 
ATOM   17  O OE2 . GLU A 1 7  ? 6.208   12.326  -19.472 1.00 15.85 ? 7  GLU A OE2 1 
ATOM   18  N N   . ALA A 1 8  ? 2.703   9.977   -15.359 1.00 16.36 ? 8  ALA A N   1 
ATOM   19  C CA  . ALA A 1 8  ? 1.821   10.080  -14.195 1.00 15.89 ? 8  ALA A CA  1 
ATOM   20  C C   . ALA A 1 8  ? 1.652   8.687   -13.625 1.00 15.23 ? 8  ALA A C   1 
ATOM   21  O O   . ALA A 1 8  ? 1.958   8.425   -12.460 1.00 16.29 ? 8  ALA A O   1 
ATOM   22  C CB  . ALA A 1 8  ? 0.480   10.675  -14.581 1.00 15.68 ? 8  ALA A CB  1 
ATOM   23  N N   . VAL A 1 9  ? 1.197   7.785   -14.484 1.00 14.18 ? 9  VAL A N   1 
ATOM   24  C CA  . VAL A 1 9  ? 1.144   6.380   -14.153 1.00 12.84 ? 9  VAL A CA  1 
ATOM   25  C C   . VAL A 1 9  ? 2.502   5.780   -13.773 1.00 12.32 ? 9  VAL A C   1 
ATOM   26  O O   . VAL A 1 9  ? 2.573   5.035   -12.806 1.00 14.54 ? 9  VAL A O   1 
ATOM   27  C CB  . VAL A 1 9  ? 0.408   5.574   -15.237 1.00 12.69 ? 9  VAL A CB  1 
ATOM   28  C CG1 . VAL A 1 9  ? -1.049  5.801   -15.071 1.00 9.49  ? 9  VAL A CG1 1 
ATOM   29  C CG2 . VAL A 1 9  ? 0.818   5.999   -16.605 1.00 11.39 ? 9  VAL A CG2 1 
ATOM   30  N N   . ARG A 1 10 ? 3.561   6.171   -14.489 1.00 12.46 ? 10 ARG A N   1 
ATOM   31  C CA  . ARG A 1 10 ? 4.925   5.626   -14.329 1.00 10.71 ? 10 ARG A CA  1 
ATOM   32  C C   . ARG A 1 10 ? 5.814   6.348   -13.280 1.00 11.90 ? 10 ARG A C   1 
ATOM   33  O O   . ARG A 1 10 ? 6.855   5.822   -12.938 1.00 13.41 ? 10 ARG A O   1 
ATOM   34  C CB  . ARG A 1 10 ? 5.613   5.517   -15.715 1.00 10.94 ? 10 ARG A CB  1 
ATOM   35  C CG  . ARG A 1 10 ? 6.964   4.737   -15.795 1.00 10.34 ? 10 ARG A CG  1 
ATOM   36  C CD  . ARG A 1 10 ? 8.321   5.545   -15.742 1.00 6.76  ? 10 ARG A CD  1 
ATOM   37  N NE  . ARG A 1 10 ? 9.417   4.570   -15.580 1.00 7.93  ? 10 ARG A NE  1 
ATOM   38  C CZ  . ARG A 1 10 ? 10.683  4.725   -15.990 1.00 7.48  ? 10 ARG A CZ  1 
ATOM   39  N NH1 . ARG A 1 10 ? 11.077  5.822   -16.670 1.00 6.22  ? 10 ARG A NH1 1 
ATOM   40  N NH2 . ARG A 1 10 ? 11.560  3.744   -15.725 1.00 8.29  ? 10 ARG A NH2 1 
ATOM   41  N N   . ARG A 1 11 ? 5.430   7.523   -12.758 1.00 11.37 ? 11 ARG A N   1 
ATOM   42  C CA  . ARG A 1 11 ? 6.020   8.030   -11.473 1.00 10.55 ? 11 ARG A CA  1 
ATOM   43  C C   . ARG A 1 11 ? 5.284   7.389   -10.310 1.00 11.74 ? 11 ARG A C   1 
ATOM   44  O O   . ARG A 1 11 ? 5.872   7.048   -9.276  1.00 11.50 ? 11 ARG A O   1 
ATOM   45  C CB  . ARG A 1 11 ? 5.924   9.565   -11.318 1.00 12.61 ? 11 ARG A CB  1 
ATOM   46  C CG  . ARG A 1 11 ? 6.410   10.117  -9.939  1.00 13.08 ? 11 ARG A CG  1 
ATOM   47  C CD  . ARG A 1 11 ? 5.291   10.447  -8.921  1.00 11.40 ? 11 ARG A CD  1 
ATOM   48  N NE  . ARG A 1 11 ? 5.664   10.322  -7.499  1.00 11.19 ? 11 ARG A NE  1 
ATOM   49  C CZ  . ARG A 1 11 ? 6.373   11.205  -6.802  1.00 9.27  ? 11 ARG A CZ  1 
ATOM   50  N NH1 . ARG A 1 11 ? 6.616   10.948  -5.530  1.00 8.64  ? 11 ARG A NH1 1 
ATOM   51  N NH2 . ARG A 1 11 ? 6.910   12.267  -7.385  1.00 11.52 ? 11 ARG A NH2 1 
ATOM   52  N N   . LYS A 1 12 ? 3.976   7.246   -10.500 1.00 11.68 ? 12 LYS A N   1 
ATOM   53  C CA  . LYS A 1 12 ? 3.080   6.774   -9.454  1.00 11.39 ? 12 LYS A CA  1 
ATOM   54  C C   . LYS A 1 12 ? 2.879   5.262   -9.535  1.00 11.32 ? 12 LYS A C   1 
ATOM   55  O O   . LYS A 1 12 ? 2.199   4.666   -8.712  1.00 11.18 ? 12 LYS A O   1 
ATOM   56  C CB  . LYS A 1 12 ? 1.722   7.479   -9.554  1.00 11.20 ? 12 LYS A CB  1 
ATOM   57  C CG  . LYS A 1 12 ? 1.103   7.825   -8.202  1.00 11.24 ? 12 LYS A CG  1 
ATOM   58  C CD  . LYS A 1 12 ? -0.407  7.617   -8.147  1.00 8.72  ? 12 LYS A CD  1 
ATOM   59  C CE  . LYS A 1 12 ? -1.143  8.762   -8.821  1.00 9.08  ? 12 LYS A CE  1 
ATOM   60  N NZ  . LYS A 1 12 ? -2.586  8.713   -8.564  1.00 11.51 ? 12 LYS A NZ  1 
ATOM   61  N N   . ILE A 1 13 ? 3.450   4.616   -10.536 1.00 9.68  ? 13 ILE A N   1 
ATOM   62  C CA  . ILE A 1 13 ? 3.412   3.158   -10.492 1.00 7.34  ? 13 ILE A CA  1 
ATOM   63  C C   . ILE A 1 13 ? 4.556   2.704   -9.586  1.00 9.69  ? 13 ILE A C   1 
ATOM   64  O O   . ILE A 1 13 ? 4.335   2.014   -8.569  1.00 8.91  ? 13 ILE A O   1 
ATOM   65  C CB  . ILE A 1 13 ? 3.261   2.454   -11.858 1.00 7.48  ? 13 ILE A CB  1 
ATOM   66  C CG1 . ILE A 1 13 ? 2.566   1.128   -11.640 1.00 8.96  ? 13 ILE A CG1 1 
ATOM   67  C CG2 . ILE A 1 13 ? 4.595   2.274   -12.603 1.00 7.79  ? 13 ILE A CG2 1 
ATOM   68  C CD1 . ILE A 1 13 ? 2.104   0.523   -12.840 1.00 7.06  ? 13 ILE A CD1 1 
ATOM   69  N N   . ARG A 1 14 ? 5.731   3.280   -9.889  1.00 9.69  ? 14 ARG A N   1 
ATOM   70  C CA  . ARG A 1 14 ? 6.879   3.138   -9.049  1.00 10.74 ? 14 ARG A CA  1 
ATOM   71  C C   . ARG A 1 14 ? 6.462   3.488   -7.595  1.00 11.83 ? 14 ARG A C   1 
ATOM   72  O O   . ARG A 1 14 ? 6.407   2.620   -6.797  1.00 11.39 ? 14 ARG A O   1 
ATOM   73  C CB  . ARG A 1 14 ? 7.938   4.079   -9.595  1.00 10.67 ? 14 ARG A CB  1 
ATOM   74  C CG  . ARG A 1 14 ? 8.921   3.505   -10.594 1.00 9.17  ? 14 ARG A CG  1 
ATOM   75  C CD  . ARG A 1 14 ? 10.002  2.560   -9.903  1.00 8.80  ? 14 ARG A CD  1 
ATOM   76  N NE  . ARG A 1 14 ? 10.257  2.815   -8.490  1.00 11.47 ? 14 ARG A NE  1 
ATOM   77  C CZ  . ARG A 1 14 ? 10.435  1.917   -7.513  1.00 9.15  ? 14 ARG A CZ  1 
ATOM   78  N NH1 . ARG A 1 14 ? 10.359  0.582   -7.714  1.00 8.02  ? 14 ARG A NH1 1 
ATOM   79  N NH2 . ARG A 1 14 ? 10.730  2.320   -6.273  1.00 7.56  ? 14 ARG A NH2 1 
ATOM   80  N N   . SER A 1 15 ? 5.954   4.708   -7.370  1.00 10.88 ? 15 SER A N   1 
ATOM   81  C CA  . SER A 1 15 ? 5.598   5.233   -6.042  1.00 11.64 ? 15 SER A CA  1 
ATOM   82  C C   . SER A 1 15 ? 4.579   4.383   -5.263  1.00 12.03 ? 15 SER A C   1 
ATOM   83  O O   . SER A 1 15 ? 4.670   4.199   -4.029  1.00 12.93 ? 15 SER A O   1 
ATOM   84  C CB  . SER A 1 15 ? 5.036   6.648   -6.259  1.00 12.88 ? 15 SER A CB  1 
ATOM   85  O OG  . SER A 1 15 ? 4.850   7.393   -5.077  1.00 12.58 ? 15 SER A OG  1 
ATOM   86  N N   . LEU A 1 16 ? 3.594   3.898   -6.017  1.00 11.57 ? 16 LEU A N   1 
ATOM   87  C CA  . LEU A 1 16 ? 2.456   3.165   -5.461  1.00 10.19 ? 16 LEU A CA  1 
ATOM   88  C C   . LEU A 1 16 ? 2.825   1.717   -5.137  1.00 10.52 ? 16 LEU A C   1 
ATOM   89  O O   . LEU A 1 16 ? 2.472   1.226   -4.056  1.00 9.65  ? 16 LEU A O   1 
ATOM   90  C CB  . LEU A 1 16 ? 1.190   3.242   -6.345  1.00 12.55 ? 16 LEU A CB  1 
ATOM   91  C CG  . LEU A 1 16 ? 0.230   4.440   -6.197  1.00 10.74 ? 16 LEU A CG  1 
ATOM   92  C CD1 . LEU A 1 16 ? -1.179  4.088   -6.638  1.00 12.55 ? 16 LEU A CD1 1 
ATOM   93  C CD2 . LEU A 1 16 ? 0.217   4.973   -4.784  1.00 13.52 ? 16 LEU A CD2 1 
ATOM   94  N N   . GLN A 1 17 ? 3.546   1.050   -6.046  1.00 12.53 ? 17 GLN A N   1 
ATOM   95  C CA  . GLN A 1 17 ? 4.163   -0.251  -5.749  1.00 13.52 ? 17 GLN A CA  1 
ATOM   96  C C   . GLN A 1 17 ? 5.055   -0.062  -4.542  1.00 13.39 ? 17 GLN A C   1 
ATOM   97  O O   . GLN A 1 17 ? 5.013   -0.834  -3.581  1.00 13.09 ? 17 GLN A O   1 
ATOM   98  C CB  . GLN A 1 17 ? 5.025   -0.721  -6.921  1.00 13.46 ? 17 GLN A CB  1 
ATOM   99  C CG  . GLN A 1 17 ? 6.186   -1.624  -6.496  1.00 13.74 ? 17 GLN A CG  1 
ATOM   100 C CD  . GLN A 1 17 ? 7.188   -1.833  -7.594  1.00 10.02 ? 17 GLN A CD  1 
ATOM   101 O OE1 . GLN A 1 17 ? 7.326   -0.994  -8.482  1.00 11.21 ? 17 GLN A OE1 1 
ATOM   102 N NE2 . GLN A 1 17 ? 7.859   -2.975  -7.575  1.00 15.84 ? 17 GLN A NE2 1 
ATOM   103 N N   . GLU A 1 18 ? 5.846   1.003   -4.624  1.00 13.63 ? 18 GLU A N   1 
ATOM   104 C CA  . GLU A 1 18 ? 6.869   1.372   -3.653  1.00 12.58 ? 18 GLU A CA  1 
ATOM   105 C C   . GLU A 1 18 ? 6.261   1.631   -2.264  1.00 13.34 ? 18 GLU A C   1 
ATOM   106 O O   . GLU A 1 18 ? 6.932   1.521   -1.226  1.00 11.11 ? 18 GLU A O   1 
ATOM   107 C CB  . GLU A 1 18 ? 7.614   2.605   -4.198  1.00 11.15 ? 18 GLU A CB  1 
ATOM   108 C CG  . GLU A 1 18 ? 8.836   3.079   -3.401  1.00 12.87 ? 18 GLU A CG  1 
ATOM   109 C CD  . GLU A 1 18 ? 10.085  2.184   -3.489  1.00 11.55 ? 18 GLU A CD  1 
ATOM   110 O OE1 . GLU A 1 18 ? 10.081  1.087   -4.104  1.00 11.98 ? 18 GLU A OE1 1 
ATOM   111 O OE2 . GLU A 1 18 ? 11.113  2.617   -2.929  1.00 12.74 ? 18 GLU A OE2 1 
ATOM   112 N N   . GLN A 1 19 ? 4.971   1.953   -2.256  1.00 12.60 ? 19 GLN A N   1 
ATOM   113 C CA  . GLN A 1 19 ? 4.216   2.098   -1.013  1.00 13.37 ? 19 GLN A CA  1 
ATOM   114 C C   . GLN A 1 19 ? 3.472   0.801   -0.686  1.00 12.80 ? 19 GLN A C   1 
ATOM   115 O O   . GLN A 1 19 ? 3.082   0.568   0.468   1.00 12.42 ? 19 GLN A O   1 
ATOM   116 C CB  . GLN A 1 19 ? 3.239   3.269   -1.124  1.00 14.43 ? 19 GLN A CB  1 
ATOM   117 C CG  . GLN A 1 19 ? 2.518   3.651   0.167   1.00 15.73 ? 19 GLN A CG  1 
ATOM   118 C CD  . GLN A 1 19 ? 2.109   5.109   0.184   1.00 16.82 ? 19 GLN A CD  1 
ATOM   119 O OE1 . GLN A 1 19 ? 2.557   5.894   -0.653  1.00 16.89 ? 19 GLN A OE1 1 
ATOM   120 N NE2 . GLN A 1 19 ? 1.258   5.485   1.139   1.00 15.56 ? 19 GLN A NE2 1 
ATOM   121 N N   . ASN A 1 20 ? 3.347   -0.036  -1.700  1.00 11.47 ? 20 ASN A N   1 
ATOM   122 C CA  . ASN A 1 20 ? 2.618   -1.313  -1.693  1.00 11.07 ? 20 ASN A CA  1 
ATOM   123 C C   . ASN A 1 20 ? 3.492   -2.467  -1.261  1.00 12.42 ? 20 ASN A C   1 
ATOM   124 O O   . ASN A 1 20 ? 3.275   -3.626  -1.643  1.00 12.73 ? 20 ASN A O   1 
ATOM   125 C CB  . ASN A 1 20 ? 2.083   -1.706  -3.065  1.00 8.96  ? 20 ASN A CB  1 
ATOM   126 C CG  . ASN A 1 20 ? 0.599   -1.251  -3.285  1.00 2.03  ? 20 ASN A CG  1 
ATOM   127 O OD1 . ASN A 1 20 ? -0.296  -2.014  -3.716  1.00 9.91  ? 20 ASN A OD1 1 
ATOM   128 N ND2 . ASN A 1 20 ? 0.362   -0.027  -2.980  1.00 8.86  ? 20 ASN A ND2 1 
ATOM   129 N N   . TYR A 1 21 ? 4.581   -2.075  -0.640  1.00 11.36 ? 21 TYR A N   1 
ATOM   130 C CA  . TYR A 1 21 ? 5.485   -2.913  0.101   1.00 11.39 ? 21 TYR A CA  1 
ATOM   131 C C   . TYR A 1 21 ? 5.941   -2.059  1.291   1.00 12.15 ? 21 TYR A C   1 
ATOM   132 O O   . TYR A 1 21 ? 6.578   -2.484  2.201   1.00 12.25 ? 21 TYR A O   1 
ATOM   133 C CB  . TYR A 1 21 ? 6.651   -3.188  -0.815  1.00 5.73  ? 21 TYR A CB  1 
ATOM   134 C CG  . TYR A 1 21 ? 7.270   -4.530  -0.741  1.00 8.80  ? 21 TYR A CG  1 
ATOM   135 C CD1 . TYR A 1 21 ? 8.438   -4.703  -0.028  1.00 10.03 ? 21 TYR A CD1 1 
ATOM   136 C CD2 . TYR A 1 21 ? 6.752   -5.592  -1.438  1.00 6.49  ? 21 TYR A CD2 1 
ATOM   137 C CE1 . TYR A 1 21 ? 9.145   -5.950  -0.015  1.00 6.76  ? 21 TYR A CE1 1 
ATOM   138 C CE2 . TYR A 1 21 ? 7.376   -6.812  -1.405  1.00 7.13  ? 21 TYR A CE2 1 
ATOM   139 C CZ  . TYR A 1 21 ? 8.603   -6.995  -0.725  1.00 8.46  ? 21 TYR A CZ  1 
ATOM   140 O OH  . TYR A 1 21 ? 9.137   -8.242  -0.678  1.00 9.44  ? 21 TYR A OH  1 
ATOM   141 N N   . HIS A 1 22 ? 5.624   -0.784  1.222   1.00 11.95 ? 22 HIS A N   1 
ATOM   142 C CA  . HIS A 1 22 ? 6.058   0.073   2.315   1.00 10.96 ? 22 HIS A CA  1 
ATOM   143 C C   . HIS A 1 22 ? 5.230   -0.271  3.517   1.00 9.69  ? 22 HIS A C   1 
ATOM   144 O O   . HIS A 1 22 ? 5.750   -0.641  4.576   1.00 10.23 ? 22 HIS A O   1 
ATOM   145 C CB  . HIS A 1 22 ? 5.976   1.556   1.993   1.00 10.96 ? 22 HIS A CB  1 
ATOM   146 C CG  . HIS A 1 22 ? 7.035   2.356   2.679   1.00 11.95 ? 22 HIS A CG  1 
ATOM   147 N ND1 . HIS A 1 22 ? 7.930   3.143   1.993   1.00 11.99 ? 22 HIS A ND1 1 
ATOM   148 C CD2 . HIS A 1 22 ? 7.381   2.439   3.987   1.00 2.98  ? 22 HIS A CD2 1 
ATOM   149 C CE1 . HIS A 1 22 ? 8.750   3.721   2.852   1.00 12.00 ? 22 HIS A CE1 1 
ATOM   150 N NE2 . HIS A 1 22 ? 8.439   3.310   4.069   1.00 13.46 ? 22 HIS A NE2 1 
ATOM   151 N N   . LEU A 1 23 ? 3.930   -0.186  3.281   1.00 8.59  ? 23 LEU A N   1 
ATOM   152 C CA  . LEU A 1 23 ? 2.915   -0.570  4.211   1.00 9.64  ? 23 LEU A CA  1 
ATOM   153 C C   . LEU A 1 23 ? 2.670   -2.058  4.241   1.00 10.69 ? 23 LEU A C   1 
ATOM   154 O O   . LEU A 1 23 ? 2.206   -2.593  5.257   1.00 11.50 ? 23 LEU A O   1 
ATOM   155 C CB  . LEU A 1 23 ? 1.629   0.175   3.868   1.00 11.44 ? 23 LEU A CB  1 
ATOM   156 C CG  . LEU A 1 23 ? 1.521   1.484   4.649   1.00 7.63  ? 23 LEU A CG  1 
ATOM   157 C CD1 . LEU A 1 23 ? 1.306   1.164   6.132   1.00 10.69 ? 23 LEU A CD1 1 
ATOM   158 C CD2 . LEU A 1 23 ? 2.720   2.442   4.407   1.00 12.20 ? 23 LEU A CD2 1 
ATOM   159 N N   . GLU A 1 24 ? 2.968   -2.702  3.112   1.00 10.10 ? 24 GLU A N   1 
ATOM   160 C CA  . GLU A 1 24 ? 2.692   -4.116  2.934   1.00 9.73  ? 24 GLU A CA  1 
ATOM   161 C C   . GLU A 1 24 ? 3.599   -4.919  3.844   1.00 9.87  ? 24 GLU A C   1 
ATOM   162 O O   . GLU A 1 24 ? 3.095   -5.771  4.540   1.00 8.95  ? 24 GLU A O   1 
ATOM   163 C CB  . GLU A 1 24 ? 2.737   -4.541  1.458   1.00 10.96 ? 24 GLU A CB  1 
ATOM   164 C CG  . GLU A 1 24 ? 2.114   -5.922  1.104   1.00 9.64  ? 24 GLU A CG  1 
ATOM   165 C CD  . GLU A 1 24 ? 3.141   -7.084  1.169   1.00 11.79 ? 24 GLU A CD  1 
ATOM   166 O OE1 . GLU A 1 24 ? 2.838   -8.209  1.681   1.00 8.40  ? 24 GLU A OE1 1 
ATOM   167 O OE2 . GLU A 1 24 ? 4.281   -6.844  0.712   1.00 15.08 ? 24 GLU A OE2 1 
ATOM   168 N N   . ASN A 1 25 ? 4.893   -4.601  3.921   1.00 11.38 ? 25 ASN A N   1 
ATOM   169 C CA  . ASN A 1 25 ? 5.753   -5.138  4.995   1.00 9.46  ? 25 ASN A CA  1 
ATOM   170 C C   . ASN A 1 25 ? 5.809   -4.322  6.283   1.00 11.80 ? 25 ASN A C   1 
ATOM   171 O O   . ASN A 1 25 ? 6.533   -4.692  7.207   1.00 11.39 ? 25 ASN A O   1 
ATOM   172 C CB  . ASN A 1 25 ? 7.169   -5.379  4.482   1.00 10.63 ? 25 ASN A CB  1 
ATOM   173 C CG  . ASN A 1 25 ? 7.262   -6.573  3.546   1.00 4.64  ? 25 ASN A CG  1 
ATOM   174 O OD1 . ASN A 1 25 ? 6.208   -7.104  3.057   1.00 2.33  ? 25 ASN A OD1 1 
ATOM   175 N ND2 . ASN A 1 25 ? 8.533   -7.013  3.272   1.00 2.00  ? 25 ASN A ND2 1 
ATOM   176 N N   . GLU A 1 26 ? 5.097   -3.196  6.334   1.00 13.84 ? 26 GLU A N   1 
ATOM   177 C CA  . GLU A 1 26 ? 4.950   -2.448  7.590   1.00 14.31 ? 26 GLU A CA  1 
ATOM   178 C C   . GLU A 1 26 ? 3.894   -3.140  8.432   1.00 14.42 ? 26 GLU A C   1 
ATOM   179 O O   . GLU A 1 26 ? 4.131   -3.464  9.604   1.00 14.75 ? 26 GLU A O   1 
ATOM   180 C CB  . GLU A 1 26 ? 4.565   -0.981  7.357   1.00 14.76 ? 26 GLU A CB  1 
ATOM   181 C CG  . GLU A 1 26 ? 4.205   -0.191  8.639   1.00 13.88 ? 26 GLU A CG  1 
ATOM   182 C CD  . GLU A 1 26 ? 5.304   -0.231  9.703   1.00 16.41 ? 26 GLU A CD  1 
ATOM   183 O OE1 . GLU A 1 26 ? 4.992   -0.573  10.858  1.00 17.55 ? 26 GLU A OE1 1 
ATOM   184 O OE2 . GLU A 1 26 ? 6.474   0.075   9.398   1.00 15.23 ? 26 GLU A OE2 1 
ATOM   185 N N   . VAL A 1 27 ? 2.732   -3.345  7.809   1.00 14.07 ? 27 VAL A N   1 
ATOM   186 C CA  . VAL A 1 27 ? 1.619   -4.096  8.387   1.00 13.70 ? 27 VAL A CA  1 
ATOM   187 C C   . VAL A 1 27 ? 2.105   -5.414  8.952   1.00 12.91 ? 27 VAL A C   1 
ATOM   188 O O   . VAL A 1 27 ? 1.760   -5.786  10.063  1.00 13.04 ? 27 VAL A O   1 
ATOM   189 C CB  . VAL A 1 27 ? 0.492   -4.425  7.352   1.00 13.80 ? 27 VAL A CB  1 
ATOM   190 C CG1 . VAL A 1 27 ? -0.240  -3.186  6.918   1.00 14.86 ? 27 VAL A CG1 1 
ATOM   191 C CG2 . VAL A 1 27 ? 1.026   -5.187  6.146   1.00 13.08 ? 27 VAL A CG2 1 
ATOM   192 N N   . ALA A 1 28 ? 2.940   -6.095  8.186   1.00 12.77 ? 28 ALA A N   1 
ATOM   193 C CA  . ALA A 1 28 ? 3.322   -7.416  8.604   1.00 12.70 ? 28 ALA A CA  1 
ATOM   194 C C   . ALA A 1 28 ? 3.937   -7.381  9.975   1.00 12.26 ? 28 ALA A C   1 
ATOM   195 O O   . ALA A 1 28 ? 3.357   -7.767  10.956  1.00 13.74 ? 28 ALA A O   1 
ATOM   196 C CB  . ALA A 1 28 ? 4.311   -7.915  7.642   1.00 11.00 ? 28 ALA A CB  1 
ATOM   197 N N   . ARG A 1 29 ? 5.033   -6.673  10.002  1.00 10.26 ? 29 ARG A N   1 
ATOM   198 C CA  . ARG A 1 29 ? 5.794   -6.495  11.210  1.00 11.03 ? 29 ARG A CA  1 
ATOM   199 C C   . ARG A 1 29 ? 4.840   -6.099  12.342  1.00 10.01 ? 29 ARG A C   1 
ATOM   200 O O   . ARG A 1 29 ? 4.822   -6.703  13.414  1.00 8.89  ? 29 ARG A O   1 
ATOM   201 C CB  . ARG A 1 29 ? 6.866   -5.436  10.945  1.00 10.48 ? 29 ARG A CB  1 
ATOM   202 C CG  . ARG A 1 29 ? 7.813   -5.168  12.088  1.00 10.62 ? 29 ARG A CG  1 
ATOM   203 C CD  . ARG A 1 29 ? 8.967   -4.392  11.553  1.00 10.98 ? 29 ARG A CD  1 
ATOM   204 N NE  . ARG A 1 29 ? 10.120  -4.417  12.455  1.00 11.05 ? 29 ARG A NE  1 
ATOM   205 C CZ  . ARG A 1 29 ? 10.963  -5.439  12.628  1.00 11.16 ? 29 ARG A CZ  1 
ATOM   206 N NH1 . ARG A 1 29 ? 10.788  -6.601  12.003  1.00 11.50 ? 29 ARG A NH1 1 
ATOM   207 N NH2 . ARG A 1 29 ? 11.984  -5.309  13.473  1.00 11.95 ? 29 ARG A NH2 1 
ATOM   208 N N   . LEU A 1 30 ? 3.965   -5.140  12.090  1.00 10.40 ? 30 LEU A N   1 
ATOM   209 C CA  . LEU A 1 30 ? 3.138   -4.672  13.195  1.00 11.79 ? 30 LEU A CA  1 
ATOM   210 C C   . LEU A 1 30 ? 2.253   -5.827  13.717  1.00 11.39 ? 30 LEU A C   1 
ATOM   211 O O   . LEU A 1 30 ? 1.905   -5.868  14.891  1.00 12.06 ? 30 LEU A O   1 
ATOM   212 C CB  . LEU A 1 30 ? 2.348   -3.428  12.790  1.00 10.96 ? 30 LEU A CB  1 
ATOM   213 C CG  . LEU A 1 30 ? 1.750   -2.521  13.864  1.00 11.29 ? 30 LEU A CG  1 
ATOM   214 C CD1 . LEU A 1 30 ? 2.724   -1.581  14.485  1.00 10.02 ? 30 LEU A CD1 1 
ATOM   215 C CD2 . LEU A 1 30 ? 0.714   -1.705  13.159  1.00 12.25 ? 30 LEU A CD2 1 
ATOM   216 N N   . LYS A 1 31 ? 1.963   -6.791  12.839  1.00 11.71 ? 31 LYS A N   1 
ATOM   217 C CA  . LYS A 1 31 ? 1.138   -7.986  13.123  1.00 11.82 ? 31 LYS A CA  1 
ATOM   218 C C   . LYS A 1 31 ? 1.749   -8.879  14.219  1.00 10.73 ? 31 LYS A C   1 
ATOM   219 O O   . LYS A 1 31 ? 1.039   -9.538  14.994  1.00 12.45 ? 31 LYS A O   1 
ATOM   220 C CB  . LYS A 1 31 ? 0.962   -8.805  11.820  1.00 9.71  ? 31 LYS A CB  1 
ATOM   221 C CG  . LYS A 1 31 ? 0.012   -8.162  10.792  1.00 12.99 ? 31 LYS A CG  1 
ATOM   222 C CD  . LYS A 1 31 ? 0.371   -8.468  9.323   1.00 11.43 ? 31 LYS A CD  1 
ATOM   223 C CE  . LYS A 1 31 ? -0.469  -9.604  8.751   1.00 8.55  ? 31 LYS A CE  1 
ATOM   224 N NZ  . LYS A 1 31 ? -0.313  -9.937  7.304   1.00 8.39  ? 31 LYS A NZ  1 
ATOM   225 N N   . LYS A 1 32 ? 3.084   -8.864  14.207  1.00 10.45 ? 32 LYS A N   1 
ATOM   226 C CA  . LYS A 1 32 ? 4.043   -9.629  14.999  1.00 9.91  ? 32 LYS A CA  1 
ATOM   227 C C   . LYS A 1 32 ? 4.822   -8.659  15.915  1.00 10.19 ? 32 LYS A C   1 
ATOM   228 O O   . LYS A 1 32 ? 5.936   -8.944  16.406  1.00 8.93  ? 32 LYS A O   1 
ATOM   229 C CB  . LYS A 1 32 ? 5.034   -10.206 14.002  1.00 9.88  ? 32 LYS A CB  1 
ATOM   230 C CG  . LYS A 1 32 ? 5.711   -11.415 14.452  1.00 10.31 ? 32 LYS A CG  1 
ATOM   231 C CD  . LYS A 1 32 ? 4.664   -12.436 14.665  1.00 8.36  ? 32 LYS A CD  1 
ATOM   232 C CE  . LYS A 1 32 ? 5.318   -13.730 15.236  1.00 6.53  ? 32 LYS A CE  1 
ATOM   233 N NZ  . LYS A 1 32 ? 4.316   -14.697 15.831  1.00 8.04  ? 32 LYS A NZ  1 
ATOM   234 N N   . LEU A 1 33 ? 4.253   -7.469  16.082  1.00 8.15  ? 33 LEU A N   1 
ATOM   235 C CA  . LEU A 1 33 ? 4.846   -6.469  16.987  1.00 7.74  ? 33 LEU A CA  1 
ATOM   236 C C   . LEU A 1 33 ? 3.805   -6.052  18.091  1.00 9.99  ? 33 LEU A C   1 
ATOM   237 O O   . LEU A 1 33 ? 3.962   -6.253  19.330  1.00 8.74  ? 33 LEU A O   1 
ATOM   238 C CB  . LEU A 1 33 ? 5.377   -5.248  16.229  1.00 7.80  ? 33 LEU A CB  1 
ATOM   239 C CG  . LEU A 1 33 ? 6.030   -4.247  17.182  1.00 6.54  ? 33 LEU A CG  1 
ATOM   240 C CD1 . LEU A 1 33 ? 7.477   -4.627  17.761  1.00 6.91  ? 33 LEU A CD1 1 
ATOM   241 C CD2 . LEU A 1 33 ? 6.129   -2.867  16.487  1.00 5.33  ? 33 LEU A CD2 1 
ATOM   242 N N   . VAL A 1 34 ? 2.705   -5.480  17.609  1.00 11.26 ? 34 VAL A N   1 
ATOM   243 C CA  . VAL A 1 34 ? 1.597   -5.084  18.498  1.00 10.86 ? 34 VAL A CA  1 
ATOM   244 C C   . VAL A 1 34 ? 0.709   -6.328  18.774  1.00 10.57 ? 34 VAL A C   1 
ATOM   245 O O   . VAL A 1 34 ? 0.324   -6.631  19.913  1.00 9.35  ? 34 VAL A O   1 
ATOM   246 C CB  . VAL A 1 34 ? 0.835   -3.793  17.984  1.00 9.60  ? 34 VAL A CB  1 
ATOM   247 C CG1 . VAL A 1 34 ? 1.696   -2.557  18.121  1.00 11.09 ? 34 VAL A CG1 1 
ATOM   248 C CG2 . VAL A 1 34 ? 0.410   -3.912  16.556  1.00 7.30  ? 34 VAL A CG2 1 
ATOM   249 N N   . GLY A 1 35 ? 0.408   -7.056  17.707  1.00 9.56  ? 35 GLY A N   1 
ATOM   250 C CA  . GLY A 1 35 ? 0.051   -8.492  17.752  1.00 6.82  ? 35 GLY A CA  1 
ATOM   251 C C   . GLY A 1 35 ? -0.542  -9.163  18.997  1.00 8.30  ? 35 GLY A C   1 
ATOM   252 O O   . GLY A 1 35 ? -1.190  -10.225 18.901  1.00 10.89 ? 35 GLY A O   1 
ATOM   253 N N   . LEU B 1 6  ? 1.204   1.385   -21.818 1.00 9.07  ? 6  LEU B N   1 
ATOM   254 C CA  . LEU B 1 6  ? 0.292   2.307   -21.071 1.00 11.11 ? 6  LEU B CA  1 
ATOM   255 C C   . LEU B 1 6  ? -0.859  1.553   -20.353 1.00 8.91  ? 6  LEU B C   1 
ATOM   256 O O   . LEU B 1 6  ? -1.288  1.918   -19.245 1.00 11.77 ? 6  LEU B O   1 
ATOM   257 C CB  . LEU B 1 6  ? -0.234  3.350   -22.071 1.00 10.95 ? 6  LEU B CB  1 
ATOM   258 C CG  . LEU B 1 6  ? -1.376  4.350   -21.850 1.00 11.95 ? 6  LEU B CG  1 
ATOM   259 C CD1 . LEU B 1 6  ? -0.963  5.675   -21.213 1.00 12.25 ? 6  LEU B CD1 1 
ATOM   260 C CD2 . LEU B 1 6  ? -1.893  4.644   -23.221 1.00 13.32 ? 6  LEU B CD2 1 
ATOM   261 N N   . GLU B 1 7  ? -1.329  0.503   -21.027 1.00 10.87 ? 7  GLU B N   1 
ATOM   262 C CA  . GLU B 1 7  ? -2.478  -0.306  -20.578 1.00 10.04 ? 7  GLU B CA  1 
ATOM   263 C C   . GLU B 1 7  ? -2.154  -1.247  -19.357 1.00 10.85 ? 7  GLU B C   1 
ATOM   264 O O   . GLU B 1 7  ? -2.855  -1.275  -18.326 1.00 2.01  ? 7  GLU B O   1 
ATOM   265 C CB  . GLU B 1 7  ? -3.126  -1.047  -21.776 1.00 11.70 ? 7  GLU B CB  1 
ATOM   266 C CG  . GLU B 1 7  ? -4.045  -0.159  -22.696 1.00 7.89  ? 7  GLU B CG  1 
ATOM   267 C CD  . GLU B 1 7  ? -5.436  0.181   -22.031 1.00 6.24  ? 7  GLU B CD  1 
ATOM   268 O OE1 . GLU B 1 7  ? -6.210  -0.745  -21.656 1.00 7.19  ? 7  GLU B OE1 1 
ATOM   269 O OE2 . GLU B 1 7  ? -5.802  1.387   -21.914 1.00 8.56  ? 7  GLU B OE2 1 
ATOM   270 N N   . ALA B 1 8  ? -1.028  -1.962  -19.465 1.00 10.46 ? 8  ALA B N   1 
ATOM   271 C CA  . ALA B 1 8  ? -0.446  -2.770  -18.376 1.00 9.59  ? 8  ALA B CA  1 
ATOM   272 C C   . ALA B 1 8  ? -0.313  -1.833  -17.129 1.00 9.52  ? 8  ALA B C   1 
ATOM   273 O O   . ALA B 1 8  ? -0.938  -2.098  -16.135 1.00 10.21 ? 8  ALA B O   1 
ATOM   274 C CB  . ALA B 1 8  ? 0.940   -3.264  -18.861 1.00 12.24 ? 8  ALA B CB  1 
ATOM   275 N N   . VAL B 1 9  ? 0.351   -0.657  -17.247 1.00 10.40 ? 9  VAL B N   1 
ATOM   276 C CA  . VAL B 1 9  ? 0.562   0.372   -16.176 1.00 10.46 ? 9  VAL B CA  1 
ATOM   277 C C   . VAL B 1 9  ? -0.691  1.062   -15.562 1.00 10.65 ? 9  VAL B C   1 
ATOM   278 O O   . VAL B 1 9  ? -0.689  1.447   -14.362 1.00 12.11 ? 9  VAL B O   1 
ATOM   279 C CB  . VAL B 1 9  ? 1.548   1.457   -16.682 1.00 11.66 ? 9  VAL B CB  1 
ATOM   280 C CG1 . VAL B 1 9  ? 2.305   2.092   -15.534 1.00 13.41 ? 9  VAL B CG1 1 
ATOM   281 C CG2 . VAL B 1 9  ? 2.542   0.828   -17.639 1.00 10.76 ? 9  VAL B CG2 1 
ATOM   282 N N   . ARG B 1 10 ? -1.706  1.251   -16.418 1.00 10.90 ? 10 ARG B N   1 
ATOM   283 C CA  . ARG B 1 10 ? -3.059  1.730   -16.038 1.00 10.35 ? 10 ARG B CA  1 
ATOM   284 C C   . ARG B 1 10 ? -3.872  0.775   -15.134 1.00 6.58  ? 10 ARG B C   1 
ATOM   285 O O   . ARG B 1 10 ? -4.682  1.205   -14.344 1.00 4.58  ? 10 ARG B O   1 
ATOM   286 C CB  . ARG B 1 10 ? -3.902  2.147   -17.270 1.00 9.78  ? 10 ARG B CB  1 
ATOM   287 C CG  . ARG B 1 10 ? -5.184  2.887   -16.909 1.00 11.18 ? 10 ARG B CG  1 
ATOM   288 C CD  . ARG B 1 10 ? -5.682  3.811   -18.021 1.00 12.74 ? 10 ARG B CD  1 
ATOM   289 N NE  . ARG B 1 10 ? -4.978  5.099   -18.071 1.00 10.93 ? 10 ARG B NE  1 
ATOM   290 C CZ  . ARG B 1 10 ? -5.198  6.120   -17.241 1.00 9.97  ? 10 ARG B CZ  1 
ATOM   291 N NH1 . ARG B 1 10 ? -6.084  6.020   -16.269 1.00 9.94  ? 10 ARG B NH1 1 
ATOM   292 N NH2 . ARG B 1 10 ? -4.529  7.245   -17.369 1.00 9.15  ? 10 ARG B NH2 1 
ATOM   293 N N   . ARG B 1 11 ? -3.690  -0.522  -15.280 1.00 9.87  ? 11 ARG B N   1 
ATOM   294 C CA  . ARG B 1 11 ? -4.274  -1.532  -14.395 1.00 8.60  ? 11 ARG B CA  1 
ATOM   295 C C   . ARG B 1 11 ? -3.433  -1.718  -13.075 1.00 9.84  ? 11 ARG B C   1 
ATOM   296 O O   . ARG B 1 11 ? -3.960  -1.779  -11.944 1.00 8.87  ? 11 ARG B O   1 
ATOM   297 C CB  . ARG B 1 11 ? -4.362  -2.797  -15.244 1.00 7.94  ? 11 ARG B CB  1 
ATOM   298 C CG  . ARG B 1 11 ? -4.533  -4.087  -14.509 1.00 5.67  ? 11 ARG B CG  1 
ATOM   299 C CD  . ARG B 1 11 ? -5.481  -5.080  -15.184 1.00 7.34  ? 11 ARG B CD  1 
ATOM   300 N NE  . ARG B 1 11 ? -4.901  -5.998  -16.174 1.00 8.63  ? 11 ARG B NE  1 
ATOM   301 C CZ  . ARG B 1 11 ? -4.796  -7.305  -15.973 1.00 11.25 ? 11 ARG B CZ  1 
ATOM   302 N NH1 . ARG B 1 11 ? -5.205  -7.816  -14.822 1.00 8.79  ? 11 ARG B NH1 1 
ATOM   303 N NH2 . ARG B 1 11 ? -4.277  -8.086  -16.906 1.00 12.15 ? 11 ARG B NH2 1 
ATOM   304 N N   . LYS B 1 12 ? -2.115  -1.712  -13.218 1.00 10.10 ? 12 LYS B N   1 
ATOM   305 C CA  . LYS B 1 12 ? -1.229  -1.807  -12.056 1.00 11.42 ? 12 LYS B CA  1 
ATOM   306 C C   . LYS B 1 12 ? -1.547  -0.783  -10.969 1.00 10.76 ? 12 LYS B C   1 
ATOM   307 O O   . LYS B 1 12 ? -1.886  -1.168  -9.843  1.00 9.64  ? 12 LYS B O   1 
ATOM   308 C CB  . LYS B 1 12 ? 0.221   -1.713  -12.497 1.00 11.50 ? 12 LYS B CB  1 
ATOM   309 C CG  . LYS B 1 12 ? 0.647   -2.940  -13.261 1.00 13.88 ? 12 LYS B CG  1 
ATOM   310 C CD  . LYS B 1 12 ? 0.781   -4.088  -12.313 1.00 11.60 ? 12 LYS B CD  1 
ATOM   311 C CE  . LYS B 1 12 ? 0.530   -5.397  -12.983 1.00 9.94  ? 12 LYS B CE  1 
ATOM   312 N NZ  . LYS B 1 12 ? -0.885  -5.895  -13.025 1.00 10.06 ? 12 LYS B NZ  1 
ATOM   313 N N   . ILE B 1 13 ? -1.486  0.498   -11.352 1.00 11.61 ? 13 ILE B N   1 
ATOM   314 C CA  . ILE B 1 13 ? -1.804  1.625   -10.467 1.00 10.62 ? 13 ILE B CA  1 
ATOM   315 C C   . ILE B 1 13 ? -3.194  1.614   -9.841  1.00 11.93 ? 13 ILE B C   1 
ATOM   316 O O   . ILE B 1 13 ? -3.401  2.267   -8.833  1.00 12.31 ? 13 ILE B O   1 
ATOM   317 C CB  . ILE B 1 13 ? -1.535  3.054   -11.077 1.00 9.73  ? 13 ILE B CB  1 
ATOM   318 C CG1 . ILE B 1 13 ? -1.692  4.060   -9.944  1.00 12.46 ? 13 ILE B CG1 1 
ATOM   319 C CG2 . ILE B 1 13 ? -2.522  3.489   -12.235 1.00 6.88  ? 13 ILE B CG2 1 
ATOM   320 C CD1 . ILE B 1 13 ? -1.134  5.382   -10.171 1.00 9.76  ? 13 ILE B CD1 1 
ATOM   321 N N   . ARG B 1 14 ? -4.142  0.893   -10.431 1.00 11.50 ? 14 ARG B N   1 
ATOM   322 C CA  . ARG B 1 14 ? -5.498  0.841   -9.875  1.00 11.48 ? 14 ARG B CA  1 
ATOM   323 C C   . ARG B 1 14 ? -5.618  -0.285  -8.877  1.00 10.76 ? 14 ARG B C   1 
ATOM   324 O O   . ARG B 1 14 ? -6.282  -0.127  -7.864  1.00 12.70 ? 14 ARG B O   1 
ATOM   325 C CB  . ARG B 1 14 ? -6.596  0.718   -10.938 1.00 11.07 ? 14 ARG B CB  1 
ATOM   326 C CG  . ARG B 1 14 ? -7.993  0.908   -10.317 1.00 10.50 ? 14 ARG B CG  1 
ATOM   327 C CD  . ARG B 1 14 ? -9.192  0.545   -11.212 1.00 12.11 ? 14 ARG B CD  1 
ATOM   328 N NE  . ARG B 1 14 ? -9.711  -0.831  -11.125 1.00 12.08 ? 14 ARG B NE  1 
ATOM   329 C CZ  . ARG B 1 14 ? -9.317  -1.822  -11.921 1.00 11.27 ? 14 ARG B CZ  1 
ATOM   330 N NH1 . ARG B 1 14 ? -8.372  -1.584  -12.814 1.00 9.48  ? 14 ARG B NH1 1 
ATOM   331 N NH2 . ARG B 1 14 ? -9.851  -3.037  -11.834 1.00 11.70 ? 14 ARG B NH2 1 
ATOM   332 N N   . SER B 1 15 ? -4.981  -1.412  -9.199  1.00 10.49 ? 15 SER B N   1 
ATOM   333 C CA  . SER B 1 15 ? -4.691  -2.503  -8.258  1.00 11.75 ? 15 SER B CA  1 
ATOM   334 C C   . SER B 1 15 ? -3.861  -2.033  -7.055  1.00 12.01 ? 15 SER B C   1 
ATOM   335 O O   . SER B 1 15 ? -4.113  -2.445  -5.919  1.00 12.41 ? 15 SER B O   1 
ATOM   336 C CB  . SER B 1 15 ? -3.953  -3.667  -8.966  1.00 11.06 ? 15 SER B CB  1 
ATOM   337 O OG  . SER B 1 15 ? -2.520  -3.560  -8.919  1.00 10.23 ? 15 SER B OG  1 
ATOM   338 N N   . LEU B 1 16 ? -2.862  -1.191  -7.324  1.00 12.69 ? 16 LEU B N   1 
ATOM   339 C CA  . LEU B 1 16 ? -1.915  -0.697  -6.307  1.00 13.10 ? 16 LEU B CA  1 
ATOM   340 C C   . LEU B 1 16 ? -2.467  0.444   -5.452  1.00 13.13 ? 16 LEU B C   1 
ATOM   341 O O   . LEU B 1 16 ? -2.152  0.567   -4.270  1.00 12.10 ? 16 LEU B O   1 
ATOM   342 C CB  . LEU B 1 16 ? -0.606  -0.238  -6.965  1.00 13.28 ? 16 LEU B CB  1 
ATOM   343 C CG  . LEU B 1 16 ? 0.445   -1.173  -7.570  1.00 13.38 ? 16 LEU B CG  1 
ATOM   344 C CD1 . LEU B 1 16 ? 1.593   -0.310  -8.035  1.00 9.02  ? 16 LEU B CD1 1 
ATOM   345 C CD2 . LEU B 1 16 ? 0.967   -2.183  -6.582  1.00 9.70  ? 16 LEU B CD2 1 
ATOM   346 N N   . GLN B 1 17 ? -3.262  1.290   -6.088  1.00 12.69 ? 17 GLN B N   1 
ATOM   347 C CA  . GLN B 1 17 ? -4.060  2.309   -5.430  1.00 12.31 ? 17 GLN B CA  1 
ATOM   348 C C   . GLN B 1 17 ? -5.159  1.735   -4.528  1.00 12.88 ? 17 GLN B C   1 
ATOM   349 O O   . GLN B 1 17 ? -5.547  2.348   -3.524  1.00 12.47 ? 17 GLN B O   1 
ATOM   350 C CB  . GLN B 1 17 ? -4.714  3.123   -6.526  1.00 12.43 ? 17 GLN B CB  1 
ATOM   351 C CG  . GLN B 1 17 ? -5.154  4.490   -6.135  1.00 10.16 ? 17 GLN B CG  1 
ATOM   352 C CD  . GLN B 1 17 ? -6.362  4.950   -6.953  1.00 2.69  ? 17 GLN B CD  1 
ATOM   353 O OE1 . GLN B 1 17 ? -7.493  4.940   -6.463  1.00 13.05 ? 17 GLN B OE1 1 
ATOM   354 N NE2 . GLN B 1 17 ? -6.121  5.331   -8.224  1.00 9.94  ? 17 GLN B NE2 1 
ATOM   355 N N   . GLU B 1 18 ? -5.682  0.580   -4.928  1.00 12.84 ? 18 GLU B N   1 
ATOM   356 C CA  . GLU B 1 18 ? -6.712  -0.137  -4.178  1.00 13.11 ? 18 GLU B CA  1 
ATOM   357 C C   . GLU B 1 18 ? -6.197  -0.565  -2.818  1.00 13.03 ? 18 GLU B C   1 
ATOM   358 O O   . GLU B 1 18 ? -6.825  -0.332  -1.794  1.00 12.92 ? 18 GLU B O   1 
ATOM   359 C CB  . GLU B 1 18 ? -7.119  -1.398  -4.942  1.00 12.13 ? 18 GLU B CB  1 
ATOM   360 C CG  . GLU B 1 18 ? -8.144  -1.186  -6.044  1.00 13.83 ? 18 GLU B CG  1 
ATOM   361 C CD  . GLU B 1 18 ? -9.577  -1.312  -5.556  1.00 13.89 ? 18 GLU B CD  1 
ATOM   362 O OE1 . GLU B 1 18 ? -9.851  -0.993  -4.381  1.00 14.70 ? 18 GLU B OE1 1 
ATOM   363 O OE2 . GLU B 1 18 ? -10.437 -1.734  -6.353  1.00 14.83 ? 18 GLU B OE2 1 
ATOM   364 N N   . GLN B 1 19 ? -5.051  -1.226  -2.859  1.00 10.81 ? 19 GLN B N   1 
ATOM   365 C CA  . GLN B 1 19 ? -4.322  -1.739  -1.726  1.00 12.17 ? 19 GLN B CA  1 
ATOM   366 C C   . GLN B 1 19 ? -3.486  -0.707  -0.886  1.00 12.33 ? 19 GLN B C   1 
ATOM   367 O O   . GLN B 1 19 ? -3.261  -0.931  0.306   1.00 13.61 ? 19 GLN B O   1 
ATOM   368 C CB  . GLN B 1 19 ? -3.461  -2.860  -2.313  1.00 12.32 ? 19 GLN B CB  1 
ATOM   369 C CG  . GLN B 1 19 ? -2.311  -3.327  -1.492  1.00 12.66 ? 19 GLN B CG  1 
ATOM   370 C CD  . GLN B 1 19 ? -2.727  -4.348  -0.468  1.00 12.70 ? 19 GLN B CD  1 
ATOM   371 O OE1 . GLN B 1 19 ? -3.914  -4.566  -0.240  1.00 14.72 ? 19 GLN B OE1 1 
ATOM   372 N NE2 . GLN B 1 19 ? -1.755  -4.972  0.169   1.00 13.42 ? 19 GLN B NE2 1 
ATOM   373 N N   . ASN B 1 20 ? -3.040  0.395   -1.508  1.00 10.05 ? 20 ASN B N   1 
ATOM   374 C CA  . ASN B 1 20 ? -2.181  1.434   -0.911  1.00 11.32 ? 20 ASN B CA  1 
ATOM   375 C C   . ASN B 1 20 ? -2.843  2.000   0.329   1.00 11.00 ? 20 ASN B C   1 
ATOM   376 O O   . ASN B 1 20 ? -2.207  2.190   1.361   1.00 9.24  ? 20 ASN B O   1 
ATOM   377 C CB  . ASN B 1 20 ? -2.007  2.564   -1.930  1.00 12.31 ? 20 ASN B CB  1 
ATOM   378 C CG  . ASN B 1 20 ? -0.608  3.149   -1.954  1.00 12.43 ? 20 ASN B CG  1 
ATOM   379 O OD1 . ASN B 1 20 ? 0.330   2.526   -2.447  1.00 17.36 ? 20 ASN B OD1 1 
ATOM   380 N ND2 . ASN B 1 20 ? -0.478  4.384   -1.477  1.00 11.19 ? 20 ASN B ND2 1 
ATOM   381 N N   . TYR B 1 21 ? -4.143  2.236   0.200   1.00 11.44 ? 21 TYR B N   1 
ATOM   382 C CA  . TYR B 1 21 ? -4.994  2.801   1.220   1.00 11.19 ? 21 TYR B CA  1 
ATOM   383 C C   . TYR B 1 21 ? -5.546  1.679   2.089   1.00 8.81  ? 21 TYR B C   1 
ATOM   384 O O   . TYR B 1 21 ? -5.640  1.806   3.327   1.00 9.34  ? 21 TYR B O   1 
ATOM   385 C CB  . TYR B 1 21 ? -6.146  3.477   0.493   1.00 11.31 ? 21 TYR B CB  1 
ATOM   386 C CG  . TYR B 1 21 ? -6.053  4.969   0.367   1.00 12.06 ? 21 TYR B CG  1 
ATOM   387 C CD1 . TYR B 1 21 ? -5.780  5.574   -0.861  1.00 12.17 ? 21 TYR B CD1 1 
ATOM   388 C CD2 . TYR B 1 21 ? -6.258  5.782   1.473   1.00 11.26 ? 21 TYR B CD2 1 
ATOM   389 C CE1 . TYR B 1 21 ? -5.727  6.947   -0.977  1.00 10.93 ? 21 TYR B CE1 1 
ATOM   390 C CE2 . TYR B 1 21 ? -6.196  7.143   1.369   1.00 11.15 ? 21 TYR B CE2 1 
ATOM   391 C CZ  . TYR B 1 21 ? -5.935  7.721   0.144   1.00 12.92 ? 21 TYR B CZ  1 
ATOM   392 O OH  . TYR B 1 21 ? -5.885  9.082   0.041   1.00 2.00  ? 21 TYR B OH  1 
ATOM   393 N N   . HIS B 1 22 ? -5.933  0.588   1.431   1.00 8.97  ? 22 HIS B N   1 
ATOM   394 C CA  . HIS B 1 22 ? -6.261  -0.688  2.059   1.00 8.88  ? 22 HIS B CA  1 
ATOM   395 C C   . HIS B 1 22 ? -5.186  -0.911  3.146   1.00 8.58  ? 22 HIS B C   1 
ATOM   396 O O   . HIS B 1 22 ? -5.473  -1.206  4.246   1.00 12.28 ? 22 HIS B O   1 
ATOM   397 C CB  . HIS B 1 22 ? -6.213  -1.838  0.979   1.00 7.90  ? 22 HIS B CB  1 
ATOM   398 C CG  . HIS B 1 22 ? -6.719  -3.168  1.451   1.00 7.42  ? 22 HIS B CG  1 
ATOM   399 N ND1 . HIS B 1 22 ? -7.884  -3.719  0.970   1.00 10.72 ? 22 HIS B ND1 1 
ATOM   400 C CD2 . HIS B 1 22 ? -6.178  -4.077  2.313   1.00 10.34 ? 22 HIS B CD2 1 
ATOM   401 C CE1 . HIS B 1 22 ? -8.059  -4.899  1.547   1.00 7.31  ? 22 HIS B CE1 1 
ATOM   402 N NE2 . HIS B 1 22 ? -7.059  -5.133  2.377   1.00 10.19 ? 22 HIS B NE2 1 
ATOM   403 N N   . LEU B 1 23 ? -3.937  -0.664  2.776   1.00 8.57  ? 23 LEU B N   1 
ATOM   404 C CA  . LEU B 1 23 ? -2.831  -0.864  3.687   1.00 7.21  ? 23 LEU B CA  1 
ATOM   405 C C   . LEU B 1 23 ? -2.694  0.280   4.739   1.00 9.63  ? 23 LEU B C   1 
ATOM   406 O O   . LEU B 1 23 ? -2.479  0.078   5.967   1.00 7.69  ? 23 LEU B O   1 
ATOM   407 C CB  . LEU B 1 23 ? -1.575  -1.125  2.839   1.00 8.34  ? 23 LEU B CB  1 
ATOM   408 C CG  . LEU B 1 23 ? -1.205  -2.543  2.315   1.00 8.00  ? 23 LEU B CG  1 
ATOM   409 C CD1 . LEU B 1 23 ? 0.040   -2.593  1.320   1.00 7.99  ? 23 LEU B CD1 1 
ATOM   410 C CD2 . LEU B 1 23 ? -0.901  -3.450  3.469   1.00 12.93 ? 23 LEU B CD2 1 
ATOM   411 N N   . GLU B 1 24 ? -2.850  1.497   4.244   1.00 6.34  ? 24 GLU B N   1 
ATOM   412 C CA  . GLU B 1 24 ? -2.879  2.682   5.136   1.00 7.92  ? 24 GLU B CA  1 
ATOM   413 C C   . GLU B 1 24 ? -4.143  2.753   6.071   1.00 7.68  ? 24 GLU B C   1 
ATOM   414 O O   . GLU B 1 24 ? -4.105  3.250   7.210   1.00 2.00  ? 24 GLU B O   1 
ATOM   415 C CB  . GLU B 1 24 ? -2.656  3.956   4.323   1.00 9.55  ? 24 GLU B CB  1 
ATOM   416 C CG  . GLU B 1 24 ? -3.382  5.193   4.845   1.00 11.20 ? 24 GLU B CG  1 
ATOM   417 C CD  . GLU B 1 24 ? -3.731  6.200   3.741   1.00 14.24 ? 24 GLU B CD  1 
ATOM   418 O OE1 . GLU B 1 24 ? -3.352  5.971   2.586   1.00 10.87 ? 24 GLU B OE1 1 
ATOM   419 O OE2 . GLU B 1 24 ? -4.399  7.219   4.007   1.00 12.38 ? 24 GLU B OE2 1 
ATOM   420 N N   . ASN B 1 25 ? -5.265  2.201   5.588   1.00 9.83  ? 25 ASN B N   1 
ATOM   421 C CA  . ASN B 1 25 ? -6.508  1.910   6.392   1.00 11.16 ? 25 ASN B CA  1 
ATOM   422 C C   . ASN B 1 25 ? -6.422  0.728   7.417   1.00 10.72 ? 25 ASN B C   1 
ATOM   423 O O   . ASN B 1 25 ? -6.799  0.879   8.592   1.00 8.75  ? 25 ASN B O   1 
ATOM   424 C CB  . ASN B 1 25 ? -7.717  1.613   5.476   1.00 12.52 ? 25 ASN B CB  1 
ATOM   425 C CG  . ASN B 1 25 ? -8.396  2.862   4.932   1.00 13.27 ? 25 ASN B CG  1 
ATOM   426 O OD1 . ASN B 1 25 ? -9.482  3.220   5.362   1.00 10.14 ? 25 ASN B OD1 1 
ATOM   427 N ND2 . ASN B 1 25 ? -7.787  3.491   3.952   1.00 11.19 ? 25 ASN B ND2 1 
ATOM   428 N N   . GLU B 1 26 ? -5.954  -0.441  6.963   1.00 8.85  ? 26 GLU B N   1 
ATOM   429 C CA  . GLU B 1 26 ? -5.757  -1.630  7.830   1.00 9.96  ? 26 GLU B CA  1 
ATOM   430 C C   . GLU B 1 26 ? -4.603  -1.446  8.838   1.00 9.08  ? 26 GLU B C   1 
ATOM   431 O O   . GLU B 1 26 ? -4.742  -1.821  9.991   1.00 8.70  ? 26 GLU B O   1 
ATOM   432 C CB  . GLU B 1 26 ? -5.594  -2.967  7.050   1.00 10.98 ? 26 GLU B CB  1 
ATOM   433 C CG  . GLU B 1 26 ? -6.856  -3.623  6.411   1.00 10.29 ? 26 GLU B CG  1 
ATOM   434 C CD  . GLU B 1 26 ? -8.089  -3.701  7.328   1.00 11.04 ? 26 GLU B CD  1 
ATOM   435 O OE1 . GLU B 1 26 ? -9.174  -3.262  6.875   1.00 12.23 ? 26 GLU B OE1 1 
ATOM   436 O OE2 . GLU B 1 26 ? -7.986  -4.214  8.469   1.00 12.57 ? 26 GLU B OE2 1 
ATOM   437 N N   . VAL B 1 27 ? -3.478  -0.867  8.419   1.00 9.44  ? 27 VAL B N   1 
ATOM   438 C CA  . VAL B 1 27 ? -2.352  -0.637  9.324   1.00 8.96  ? 27 VAL B CA  1 
ATOM   439 C C   . VAL B 1 27 ? -2.811  0.317   10.440  1.00 8.21  ? 27 VAL B C   1 
ATOM   440 O O   . VAL B 1 27 ? -2.604  0.005   11.613  1.00 10.25 ? 27 VAL B O   1 
ATOM   441 C CB  . VAL B 1 27 ? -1.081  -0.134  8.501   1.00 10.76 ? 27 VAL B CB  1 
ATOM   442 C CG1 . VAL B 1 27 ? -1.154  1.327   8.174   1.00 3.39  ? 27 VAL B CG1 1 
ATOM   443 C CG2 . VAL B 1 27 ? 0.254   -0.476  9.170   1.00 11.79 ? 27 VAL B CG2 1 
ATOM   444 N N   . ALA B 1 28 ? -3.480  1.421   10.063  1.00 11.14 ? 28 ALA B N   1 
ATOM   445 C CA  . ALA B 1 28 ? -4.127  2.363   10.990  1.00 11.38 ? 28 ALA B CA  1 
ATOM   446 C C   . ALA B 1 28 ? -5.164  1.698   11.913  1.00 11.74 ? 28 ALA B C   1 
ATOM   447 O O   . ALA B 1 28 ? -4.987  1.667   13.127  1.00 11.80 ? 28 ALA B O   1 
ATOM   448 C CB  . ALA B 1 28 ? -4.768  3.509   10.215  1.00 13.18 ? 28 ALA B CB  1 
ATOM   449 N N   . ARG B 1 29 ? -6.227  1.160   11.314  1.00 9.31  ? 29 ARG B N   1 
ATOM   450 C CA  . ARG B 1 29 ? -7.368  0.558   12.019  1.00 10.10 ? 29 ARG B CA  1 
ATOM   451 C C   . ARG B 1 29 ? -6.951  -0.320  13.204  1.00 9.90  ? 29 ARG B C   1 
ATOM   452 O O   . ARG B 1 29 ? -7.534  -0.261  14.286  1.00 11.56 ? 29 ARG B O   1 
ATOM   453 C CB  . ARG B 1 29 ? -8.206  -0.210  10.991  1.00 11.23 ? 29 ARG B CB  1 
ATOM   454 C CG  . ARG B 1 29 ? -9.044  -1.359  11.474  1.00 12.87 ? 29 ARG B CG  1 
ATOM   455 C CD  . ARG B 1 29 ? -10.114 -1.649  10.441  1.00 12.78 ? 29 ARG B CD  1 
ATOM   456 N NE  . ARG B 1 29 ? -11.292 -0.811  10.664  1.00 16.95 ? 29 ARG B NE  1 
ATOM   457 C CZ  . ARG B 1 29 ? -12.500 -1.050  10.162  1.00 17.43 ? 29 ARG B CZ  1 
ATOM   458 N NH1 . ARG B 1 29 ? -12.714 -2.105  9.384   1.00 18.81 ? 29 ARG B NH1 1 
ATOM   459 N NH2 . ARG B 1 29 ? -13.502 -0.226  10.436  1.00 16.94 ? 29 ARG B NH2 1 
ATOM   460 N N   . LEU B 1 30 ? -5.906  -1.118  12.972  1.00 7.25  ? 30 LEU B N   1 
ATOM   461 C CA  . LEU B 1 30 ? -5.230  -1.915  14.007  1.00 6.99  ? 30 LEU B CA  1 
ATOM   462 C C   . LEU B 1 30 ? -4.644  -1.040  15.137  1.00 9.94  ? 30 LEU B C   1 
ATOM   463 O O   . LEU B 1 30 ? -4.896  -1.297  16.326  1.00 8.48  ? 30 LEU B O   1 
ATOM   464 C CB  . LEU B 1 30 ? -4.111  -2.810  13.399  1.00 8.16  ? 30 LEU B CB  1 
ATOM   465 C CG  . LEU B 1 30 ? -4.272  -4.017  12.470  1.00 9.23  ? 30 LEU B CG  1 
ATOM   466 C CD1 . LEU B 1 30 ? -2.960  -4.059  11.627  1.00 11.79 ? 30 LEU B CD1 1 
ATOM   467 C CD2 . LEU B 1 30 ? -4.576  -5.359  13.156  1.00 7.69  ? 30 LEU B CD2 1 
ATOM   468 N N   . LYS B 1 31 ? -3.845  -0.040  14.745  1.00 10.61 ? 31 LYS B N   1 
ATOM   469 C CA  . LYS B 1 31 ? -3.092  0.848   15.642  1.00 10.31 ? 31 LYS B CA  1 
ATOM   470 C C   . LYS B 1 31 ? -4.126  1.421   16.638  1.00 10.90 ? 31 LYS B C   1 
ATOM   471 O O   . LYS B 1 31 ? -4.093  1.142   17.834  1.00 9.97  ? 31 LYS B O   1 
ATOM   472 C CB  . LYS B 1 31 ? -2.311  1.944   14.838  1.00 8.71  ? 31 LYS B CB  1 
ATOM   473 C CG  . LYS B 1 31 ? -1.455  1.436   13.609  1.00 8.78  ? 31 LYS B CG  1 
ATOM   474 C CD  . LYS B 1 31 ? -0.526  2.504   12.976  1.00 9.05  ? 31 LYS B CD  1 
ATOM   475 C CE  . LYS B 1 31 ? -0.127  2.178   11.538  1.00 9.57  ? 31 LYS B CE  1 
ATOM   476 N NZ  . LYS B 1 31 ? 1.220   2.675   11.028  1.00 11.11 ? 31 LYS B NZ  1 
ATOM   477 N N   . LYS B 1 32 ? -5.109  2.159   16.145  1.00 11.45 ? 32 LYS B N   1 
ATOM   478 C CA  . LYS B 1 32 ? -6.212  2.593   17.022  1.00 11.38 ? 32 LYS B CA  1 
ATOM   479 C C   . LYS B 1 32 ? -6.782  1.419   17.840  1.00 10.59 ? 32 LYS B C   1 
ATOM   480 O O   . LYS B 1 32 ? -6.844  1.465   19.069  1.00 10.90 ? 32 LYS B O   1 
ATOM   481 C CB  . LYS B 1 32 ? -7.316  3.262   16.205  1.00 12.08 ? 32 LYS B CB  1 
ATOM   482 C CG  . LYS B 1 32 ? -8.062  4.335   16.974  1.00 11.79 ? 32 LYS B CG  1 
ATOM   483 C CD  . LYS B 1 32 ? -8.289  5.597   16.167  1.00 13.49 ? 32 LYS B CD  1 
ATOM   484 C CE  . LYS B 1 32 ? -8.884  6.679   17.054  1.00 14.31 ? 32 LYS B CE  1 
ATOM   485 N NZ  . LYS B 1 32 ? -9.982  6.168   17.926  1.00 17.03 ? 32 LYS B NZ  1 
ATOM   486 N N   . LEU B 1 33 ? -7.182  0.374   17.120  1.00 10.82 ? 33 LEU B N   1 
ATOM   487 C CA  . LEU B 1 33 ? -7.587  -0.932  17.631  1.00 9.45  ? 33 LEU B CA  1 
ATOM   488 C C   . LEU B 1 33 ? -6.587  -1.489  18.634  1.00 10.38 ? 33 LEU B C   1 
ATOM   489 O O   . LEU B 1 33 ? -6.975  -1.919  19.716  1.00 10.34 ? 33 LEU B O   1 
ATOM   490 C CB  . LEU B 1 33 ? -7.645  -1.878  16.431  1.00 8.17  ? 33 LEU B CB  1 
ATOM   491 C CG  . LEU B 1 33 ? -8.087  -3.315  16.657  1.00 2.00  ? 33 LEU B CG  1 
ATOM   492 C CD1 . LEU B 1 33 ? -9.321  -3.377  17.547  1.00 2.00  ? 33 LEU B CD1 1 
ATOM   493 C CD2 . LEU B 1 33 ? -8.187  -4.155  15.325  1.00 5.73  ? 33 LEU B CD2 1 
ATOM   494 N N   . VAL B 1 34 ? -5.307  -1.487  18.247  1.00 11.46 ? 34 VAL B N   1 
ATOM   495 C CA  . VAL B 1 34 ? -4.314  -2.137  19.129  1.00 10.82 ? 34 VAL B CA  1 
ATOM   496 C C   . VAL B 1 34 ? -3.887  -1.398  20.406  1.00 10.94 ? 34 VAL B C   1 
ATOM   497 O O   . VAL B 1 34 ? -4.199  -1.818  21.495  1.00 11.63 ? 34 VAL B O   1 
ATOM   498 C CB  . VAL B 1 34 ? -3.046  -2.541  18.424  1.00 11.77 ? 34 VAL B CB  1 
ATOM   499 C CG1 . VAL B 1 34 ? -2.111  -3.287  19.406  1.00 10.01 ? 34 VAL B CG1 1 
ATOM   500 C CG2 . VAL B 1 34 ? -3.344  -3.374  17.147  1.00 9.18  ? 34 VAL B CG2 1 
ATOM   501 N N   . GLY B 1 35 ? -3.199  -0.290  20.270  1.00 10.88 ? 35 GLY B N   1 
ATOM   502 C CA  . GLY B 1 35 ? -2.861  0.532   21.422  1.00 8.00  ? 35 GLY B CA  1 
ATOM   503 C C   . GLY B 1 35 ? -2.424  1.880   20.912  1.00 10.26 ? 35 GLY B C   1 
ATOM   504 O O   . GLY B 1 35 ? -2.068  2.752   21.682  1.00 6.86  ? 35 GLY B O   1 
HETATM 505 O O   . HOH C 2 .  ? 12.746  0.289   -7.272  1.00 26.59 ? 38 HOH A O   1 
HETATM 506 O O   . HOH C 2 .  ? 7.338   8.606   -2.924  1.00 30.29 ? 39 HOH A O   1 
HETATM 507 O O   . HOH C 2 .  ? 3.942   -9.536  3.771   1.00 29.97 ? 40 HOH A O   1 
HETATM 508 O O   . HOH C 2 .  ? 2.041   -7.212  5.977   1.00 24.93 ? 41 HOH A O   1 
HETATM 509 O O   . HOH C 2 .  ? -0.203  8.569   -17.984 1.00 26.05 ? 42 HOH A O   1 
HETATM 510 O O   . HOH C 2 .  ? 5.586   4.664   -11.813 1.00 31.44 ? 43 HOH A O   1 
HETATM 511 O O   . HOH C 2 .  ? 7.014   2.401   -15.669 1.00 27.01 ? 44 HOH A O   1 
HETATM 512 O O   . HOH C 2 .  ? 3.072   0.013   11.721  1.00 26.35 ? 45 HOH A O   1 
HETATM 513 O O   . HOH C 2 .  ? -0.351  -0.517  -0.309  1.00 23.27 ? 46 HOH A O   1 
HETATM 514 O O   . HOH C 2 .  ? 5.134   -2.677  13.731  1.00 29.03 ? 47 HOH A O   1 
HETATM 515 O O   . HOH C 2 .  ? 5.965   7.233   -16.645 1.00 24.93 ? 48 HOH A O   1 
HETATM 516 O O   . HOH C 2 .  ? 6.881   9.418   -13.485 1.00 29.12 ? 49 HOH A O   1 
HETATM 517 O O   . HOH C 2 .  ? 14.396  -9.350  13.819  1.00 26.06 ? 50 HOH A O   1 
HETATM 518 O O   . HOH C 2 .  ? 0.995   -11.459 17.269  1.00 25.14 ? 51 HOH A O   1 
HETATM 519 O O   . HOH C 2 .  ? 4.504   -4.593  -0.890  1.00 35.18 ? 52 HOH A O   1 
HETATM 520 O O   . HOH C 2 .  ? 0.728   10.148  -17.251 1.00 30.03 ? 53 HOH A O   1 
HETATM 521 O O   . HOH C 2 .  ? 10.084  -10.054 -2.179  1.00 30.86 ? 54 HOH A O   1 
HETATM 522 O O   . HOH C 2 .  ? 11.905  -8.566  13.773  1.00 29.53 ? 55 HOH A O   1 
HETATM 523 O O   . HOH C 2 .  ? 10.519  -10.575 12.024  1.00 22.45 ? 56 HOH A O   1 
HETATM 524 O O   . HOH C 2 .  ? -4.628  9.076   -9.801  1.00 30.34 ? 57 HOH A O   1 
HETATM 525 O O   . HOH C 2 .  ? 1.285   6.871   -3.066  1.00 30.09 ? 58 HOH A O   1 
HETATM 526 O O   . HOH C 2 .  ? 7.995   11.854  -9.764  1.00 25.84 ? 59 HOH A O   1 
HETATM 527 O O   . HOH C 2 .  ? -3.768  10.254  -12.335 1.00 25.29 ? 60 HOH A O   1 
HETATM 528 O O   . HOH C 2 .  ? 0.663   4.356   -13.426 1.00 27.67 ? 61 HOH A O   1 
HETATM 529 O O   . HOH C 2 .  ? 7.652   5.110   6.624   1.00 25.48 ? 62 HOH A O   1 
HETATM 530 O O   . HOH C 2 .  ? -0.762  7.342   -13.050 1.00 25.85 ? 63 HOH A O   1 
HETATM 531 O O   . HOH C 2 .  ? 0.342   -4.646  12.947  1.00 30.65 ? 64 HOH A O   1 
HETATM 532 O O   . HOH C 2 .  ? 0.022   -9.001  4.724   1.00 28.89 ? 65 HOH A O   1 
HETATM 533 O O   . HOH C 2 .  ? -4.409  9.924   -7.030  1.00 32.21 ? 66 HOH A O   1 
HETATM 534 O O   . HOH C 2 .  ? 4.295   8.430   -22.062 1.00 26.98 ? 67 HOH A O   1 
HETATM 535 O O   . HOH C 2 .  ? 6.227   11.602  -1.996  1.00 26.73 ? 68 HOH A O   1 
HETATM 536 O O   . HOH C 2 .  ? 3.453   6.407   -22.813 1.00 31.57 ? 69 HOH A O   1 
HETATM 537 O O   . HOH C 2 .  ? 4.316   1.233   6.621   1.00 30.03 ? 70 HOH A O   1 
HETATM 538 O O   . HOH C 2 .  ? 11.436  -6.626  9.374   1.00 27.74 ? 71 HOH A O   1 
HETATM 539 O O   . HOH C 2 .  ? 2.122   2.612   7.481   1.00 32.77 ? 72 HOH A O   1 
HETATM 540 O O   . HOH C 2 .  ? 12.689  -3.586  9.965   1.00 28.39 ? 73 HOH A O   1 
HETATM 541 O O   . HOH C 2 .  ? 7.335   6.064   -3.500  1.00 25.69 ? 74 HOH A O   1 
HETATM 542 O O   . HOH C 2 .  ? 13.169  -11.576 12.819  1.00 32.30 ? 75 HOH A O   1 
HETATM 543 O O   . HOH C 2 .  ? 8.641   -10.700 13.718  1.00 24.92 ? 76 HOH A O   1 
HETATM 544 O O   . HOH C 2 .  ? 8.512   11.410  -3.945  1.00 32.92 ? 77 HOH A O   1 
HETATM 545 O O   . HOH C 2 .  ? 10.137  -10.136 0.082   1.00 28.29 ? 78 HOH A O   1 
HETATM 546 O O   . HOH C 2 .  ? 9.175   -13.197 14.720  1.00 31.88 ? 81 HOH A O   1 
HETATM 547 O O   . HOH C 2 .  ? -0.054  5.047   7.570   1.00 24.05 ? 85 HOH A O   1 
HETATM 548 O O   . HOH C 2 .  ? 7.430   -12.501 16.460  1.00 31.80 ? 86 HOH A O   1 
HETATM 549 O O   . HOH C 2 .  ? 15.116  -4.847  9.781   1.00 25.91 ? 87 HOH A O   1 
HETATM 550 O O   . HOH D 2 .  ? -1.951  8.733   5.260   1.00 30.45 ? 38 HOH B O   1 
HETATM 551 O O   . HOH D 2 .  ? -12.800 -2.350  -11.664 1.00 26.98 ? 39 HOH B O   1 
HETATM 552 O O   . HOH D 2 .  ? 3.752   -2.046  -14.287 1.00 25.72 ? 40 HOH B O   1 
HETATM 553 O O   . HOH D 2 .  ? -6.322  0.294   -16.074 1.00 29.97 ? 41 HOH B O   1 
HETATM 554 O O   . HOH D 2 .  ? -3.974  0.917   7.916   1.00 28.64 ? 42 HOH B O   1 
HETATM 555 O O   . HOH D 2 .  ? -10.765 4.503   7.773   1.00 33.64 ? 43 HOH B O   1 
HETATM 556 O O   . HOH D 2 .  ? -6.790  1.667   -13.157 1.00 28.69 ? 44 HOH B O   1 
HETATM 557 O O   . HOH D 2 .  ? 3.608   -0.006  -22.132 1.00 30.77 ? 45 HOH B O   1 
HETATM 558 O O   . HOH D 2 .  ? 1.457   -7.518  -14.719 1.00 24.68 ? 46 HOH B O   1 
HETATM 559 O O   . HOH D 2 .  ? -0.705  5.135   20.550  1.00 31.91 ? 47 HOH B O   1 
HETATM 560 O O   . HOH D 2 .  ? -2.214  7.111   -18.800 1.00 29.72 ? 48 HOH B O   1 
HETATM 561 O O   . HOH D 2 .  ? 0.528   -0.935  -21.742 1.00 33.29 ? 49 HOH B O   1 
HETATM 562 O O   . HOH D 2 .  ? -7.526  7.742   -14.698 1.00 22.81 ? 50 HOH B O   1 
HETATM 563 O O   . HOH D 2 .  ? 1.218   -0.887  -14.627 1.00 21.97 ? 51 HOH B O   1 
HETATM 564 O O   . HOH D 2 .  ? -4.519  -4.345  3.775   1.00 26.65 ? 52 HOH B O   1 
HETATM 565 O O   . HOH D 2 .  ? 1.059   5.418   10.911  1.00 31.43 ? 53 HOH B O   1 
HETATM 566 O O   . HOH D 2 .  ? -9.890  0.191   -13.984 1.00 26.55 ? 54 HOH B O   1 
HETATM 567 O O   . HOH D 2 .  ? 0.514   -5.096  -1.010  1.00 33.43 ? 55 HOH B O   1 
HETATM 568 O O   . HOH D 2 .  ? -9.328  1.478   18.890  1.00 33.88 ? 56 HOH B O   1 
HETATM 569 O O   . HOH D 2 .  ? -3.090  4.253   -3.604  1.00 29.59 ? 57 HOH B O   1 
HETATM 570 O O   . HOH D 2 .  ? -2.121  7.747   0.773   1.00 28.55 ? 58 HOH B O   1 
HETATM 571 O O   . HOH D 2 .  ? -7.249  4.064   -14.571 1.00 30.12 ? 59 HOH B O   1 
HETATM 572 O O   . HOH D 2 .  ? 1.051   0.283   11.946  1.00 30.35 ? 60 HOH B O   1 
HETATM 573 O O   . HOH D 2 .  ? -3.922  0.502   -12.424 1.00 22.90 ? 61 HOH B O   1 
HETATM 574 O O   . HOH D 2 .  ? -0.952  -0.722  16.384  1.00 30.17 ? 62 HOH B O   1 
HETATM 575 O O   . HOH D 2 .  ? -5.285  4.395   -21.796 1.00 31.31 ? 63 HOH B O   1 
HETATM 576 O O   . HOH D 2 .  ? -9.548  6.735   -7.071  1.00 26.48 ? 64 HOH B O   1 
HETATM 577 O O   . HOH D 2 .  ? -4.423  11.673  -1.285  1.00 27.66 ? 65 HOH B O   1 
HETATM 578 O O   . HOH D 2 .  ? -7.656  -4.084  -15.166 1.00 28.79 ? 66 HOH B O   1 
HETATM 579 O O   . HOH D 2 .  ? -2.905  4.298   -18.973 1.00 33.04 ? 67 HOH B O   1 
HETATM 580 O O   . HOH D 2 .  ? 0.292   1.821   1.406   1.00 30.78 ? 68 HOH B O   1 
HETATM 581 O O   . HOH D 2 .  ? -2.434  -2.283  7.193   1.00 23.16 ? 69 HOH B O   1 
HETATM 582 O O   . HOH D 2 .  ? 1.757   6.099   13.618  1.00 25.68 ? 70 HOH B O   1 
HETATM 583 O O   . HOH D 2 .  ? -10.065 3.603   -8.405  1.00 22.47 ? 71 HOH B O   1 
HETATM 584 O O   . HOH D 2 .  ? -6.458  4.459   14.010  1.00 29.57 ? 72 HOH B O   1 
HETATM 585 O O   . HOH D 2 .  ? -9.506  4.633   14.052  1.00 19.42 ? 74 HOH B O   1 
HETATM 586 O O   . HOH D 2 .  ? 5.377   0.447   -20.420 1.00 31.96 ? 77 HOH B O   1 
HETATM 587 O O   . HOH D 2 .  ? -10.893 5.850   -15.168 1.00 25.07 ? 79 HOH B O   1 
HETATM 588 O O   . HOH D 2 .  ? -1.408  -7.068  -0.935  1.00 22.12 ? 80 HOH B O   1 
HETATM 589 O O   . HOH D 2 .  ? -10.555 5.180   -13.005 1.00 29.82 ? 82 HOH B O   1 
HETATM 590 O O   . HOH D 2 .  ? 0.299   -0.717  18.918  1.00 26.89 ? 83 HOH B O   1 
HETATM 591 O O   . HOH D 2 .  ? -3.298  6.311   -5.195  1.00 29.75 ? 84 HOH B O   1 
HETATM 592 O O   . HOH D 2 .  ? -4.382  -7.969  -2.111  1.00 28.95 ? 88 HOH B O   1 
HETATM 593 O O   . HOH D 2 .  ? -3.532  -6.555  -4.846  1.00 29.18 ? 89 HOH B O   1 
HETATM 594 O O   . HOH D 2 .  ? 2.301   0.784   18.997  1.00 30.55 ? 90 HOH B O   1 
HETATM 595 O O   . HOH D 2 .  ? 1.162   7.201   5.698   1.00 29.60 ? 91 HOH B O   1 
# 
loop_
_pdbx_poly_seq_scheme.asym_id 
_pdbx_poly_seq_scheme.entity_id 
_pdbx_poly_seq_scheme.seq_id 
_pdbx_poly_seq_scheme.mon_id 
_pdbx_poly_seq_scheme.ndb_seq_num 
_pdbx_poly_seq_scheme.pdb_seq_num 
_pdbx_poly_seq_scheme.auth_seq_num 
_pdbx_poly_seq_scheme.pdb_mon_id 
_pdbx_poly_seq_scheme.auth_mon_id 
_pdbx_poly_seq_scheme.pdb_strand_id 
_pdbx_poly_seq_scheme.pdb_ins_code 
_pdbx_poly_seq_scheme.hetero 
A 1 1  ALA 1  1  ?  ?   ?   A . n 
A 1 2  GLY 2  2  ?  ?   ?   A . n 
A 1 3  SER 3  3  ?  ?   ?   A . n 
A 1 4  SER 4  4  ?  ?   ?   A . n 
A 1 5  SER 5  5  ?  ?   ?   A . n 
A 1 6  LEU 6  6  6  LEU LEU A . n 
A 1 7  GLU 7  7  7  GLU GLU A . n 
A 1 8  ALA 8  8  8  ALA ALA A . n 
A 1 9  VAL 9  9  9  VAL VAL A . n 
A 1 10 ARG 10 10 10 ARG ARG A . n 
A 1 11 ARG 11 11 11 ARG ARG A . n 
A 1 12 LYS 12 12 12 LYS LYS A . n 
A 1 13 ILE 13 13 13 ILE ILE A . n 
A 1 14 ARG 14 14 14 ARG ARG A . n 
A 1 15 SER 15 15 15 SER SER A . n 
A 1 16 LEU 16 16 16 LEU LEU A . n 
A 1 17 GLN 17 17 17 GLN GLN A . n 
A 1 18 GLU 18 18 18 GLU GLU A . n 
A 1 19 GLN 19 19 19 GLN GLN A . n 
A 1 20 ASN 20 20 20 ASN ASN A . n 
A 1 21 TYR 21 21 21 TYR TYR A . n 
A 1 22 HIS 22 22 22 HIS HIS A . n 
A 1 23 LEU 23 23 23 LEU LEU A . n 
A 1 24 GLU 24 24 24 GLU GLU A . n 
A 1 25 ASN 25 25 25 ASN ASN A . n 
A 1 26 GLU 26 26 26 GLU GLU A . n 
A 1 27 VAL 27 27 27 VAL VAL A . n 
A 1 28 ALA 28 28 28 ALA ALA A . n 
A 1 29 ARG 29 29 29 ARG ARG A . n 
A 1 30 LEU 30 30 30 LEU LEU A . n 
A 1 31 LYS 31 31 31 LYS LYS A . n 
A 1 32 LYS 32 32 32 LYS LYS A . n 
A 1 33 LEU 33 33 33 LEU LEU A . n 
A 1 34 VAL 34 34 34 VAL VAL A . n 
A 1 35 GLY 35 35 35 GLY GLY A . n 
A 1 36 GLU 36 36 ?  ?   ?   A . n 
A 1 37 ARG 37 37 ?  ?   ?   A . n 
B 1 1  ALA 1  1  ?  ?   ?   B . n 
B 1 2  GLY 2  2  ?  ?   ?   B . n 
B 1 3  SER 3  3  ?  ?   ?   B . n 
B 1 4  SER 4  4  ?  ?   ?   B . n 
B 1 5  SER 5  5  ?  ?   ?   B . n 
B 1 6  LEU 6  6  6  LEU LEU B . n 
B 1 7  GLU 7  7  7  GLU GLU B . n 
B 1 8  ALA 8  8  8  ALA ALA B . n 
B 1 9  VAL 9  9  9  VAL VAL B . n 
B 1 10 ARG 10 10 10 ARG ARG B . n 
B 1 11 ARG 11 11 11 ARG ARG B . n 
B 1 12 LYS 12 12 12 LYS LYS B . n 
B 1 13 ILE 13 13 13 ILE ILE B . n 
B 1 14 ARG 14 14 14 ARG ARG B . n 
B 1 15 SER 15 15 15 SER SER B . n 
B 1 16 LEU 16 16 16 LEU LEU B . n 
B 1 17 GLN 17 17 17 GLN GLN B . n 
B 1 18 GLU 18 18 18 GLU GLU B . n 
B 1 19 GLN 19 19 19 GLN GLN B . n 
B 1 20 ASN 20 20 20 ASN ASN B . n 
B 1 21 TYR 21 21 21 TYR TYR B . n 
B 1 22 HIS 22 22 22 HIS HIS B . n 
B 1 23 LEU 23 23 23 LEU LEU B . n 
B 1 24 GLU 24 24 24 GLU GLU B . n 
B 1 25 ASN 25 25 25 ASN ASN B . n 
B 1 26 GLU 26 26 26 GLU GLU B . n 
B 1 27 VAL 27 27 27 VAL VAL B . n 
B 1 28 ALA 28 28 28 ALA ALA B . n 
B 1 29 ARG 29 29 29 ARG ARG B . n 
B 1 30 LEU 30 30 30 LEU LEU B . n 
B 1 31 LYS 31 31 31 LYS LYS B . n 
B 1 32 LYS 32 32 32 LYS LYS B . n 
B 1 33 LEU 33 33 33 LEU LEU B . n 
B 1 34 VAL 34 34 34 VAL VAL B . n 
B 1 35 GLY 35 35 35 GLY GLY B . n 
B 1 36 GLU 36 36 ?  ?   ?   B . n 
B 1 37 ARG 37 37 ?  ?   ?   B . n 
# 
loop_
_pdbx_nonpoly_scheme.asym_id 
_pdbx_nonpoly_scheme.entity_id 
_pdbx_nonpoly_scheme.mon_id 
_pdbx_nonpoly_scheme.ndb_seq_num 
_pdbx_nonpoly_scheme.pdb_seq_num 
_pdbx_nonpoly_scheme.auth_seq_num 
_pdbx_nonpoly_scheme.pdb_mon_id 
_pdbx_nonpoly_scheme.auth_mon_id 
_pdbx_nonpoly_scheme.pdb_strand_id 
_pdbx_nonpoly_scheme.pdb_ins_code 
C 2 HOH 1  38 38 HOH HOH A . 
C 2 HOH 2  39 2  HOH HOH A . 
C 2 HOH 3  40 8  HOH HOH A . 
C 2 HOH 4  41 41 HOH HOH A . 
C 2 HOH 5  42 42 HOH HOH A . 
C 2 HOH 6  43 10 HOH HOH A . 
C 2 HOH 7  44 44 HOH HOH A . 
C 2 HOH 8  45 11 HOH HOH A . 
C 2 HOH 9  46 46 HOH HOH A . 
C 2 HOH 10 47 12 HOH HOH A . 
C 2 HOH 11 48 48 HOH HOH A . 
C 2 HOH 12 49 13 HOH HOH A . 
C 2 HOH 13 50 50 HOH HOH A . 
C 2 HOH 14 51 51 HOH HOH A . 
C 2 HOH 15 52 52 HOH HOH A . 
C 2 HOH 16 53 53 HOH HOH A . 
C 2 HOH 17 54 54 HOH HOH A . 
C 2 HOH 18 55 14 HOH HOH A . 
C 2 HOH 19 56 15 HOH HOH A . 
C 2 HOH 20 57 19 HOH HOH A . 
C 2 HOH 21 58 21 HOH HOH A . 
C 2 HOH 22 59 22 HOH HOH A . 
C 2 HOH 23 60 23 HOH HOH A . 
C 2 HOH 24 61 61 HOH HOH A . 
C 2 HOH 25 62 25 HOH HOH A . 
C 2 HOH 26 63 63 HOH HOH A . 
C 2 HOH 27 64 27 HOH HOH A . 
C 2 HOH 28 65 65 HOH HOH A . 
C 2 HOH 29 66 66 HOH HOH A . 
C 2 HOH 30 67 29 HOH HOH A . 
C 2 HOH 31 68 30 HOH HOH A . 
C 2 HOH 32 69 31 HOH HOH A . 
C 2 HOH 33 70 70 HOH HOH A . 
C 2 HOH 34 71 32 HOH HOH A . 
C 2 HOH 35 72 72 HOH HOH A . 
C 2 HOH 36 73 73 HOH HOH A . 
C 2 HOH 37 74 33 HOH HOH A . 
C 2 HOH 38 75 75 HOH HOH A . 
C 2 HOH 39 76 76 HOH HOH A . 
C 2 HOH 40 77 36 HOH HOH A . 
C 2 HOH 41 78 78 HOH HOH A . 
C 2 HOH 42 81 81 HOH HOH A . 
C 2 HOH 43 85 85 HOH HOH A . 
C 2 HOH 44 86 86 HOH HOH A . 
C 2 HOH 45 87 87 HOH HOH A . 
D 2 HOH 1  38 1  HOH HOH B . 
D 2 HOH 2  39 39 HOH HOH B . 
D 2 HOH 3  40 40 HOH HOH B . 
D 2 HOH 4  41 3  HOH HOH B . 
D 2 HOH 5  42 4  HOH HOH B . 
D 2 HOH 6  43 43 HOH HOH B . 
D 2 HOH 7  44 5  HOH HOH B . 
D 2 HOH 8  45 45 HOH HOH B . 
D 2 HOH 9  46 6  HOH HOH B . 
D 2 HOH 10 47 47 HOH HOH B . 
D 2 HOH 11 48 7  HOH HOH B . 
D 2 HOH 12 49 49 HOH HOH B . 
D 2 HOH 13 50 9  HOH HOH B . 
D 2 HOH 14 51 16 HOH HOH B . 
D 2 HOH 15 52 17 HOH HOH B . 
D 2 HOH 16 53 18 HOH HOH B . 
D 2 HOH 17 54 20 HOH HOH B . 
D 2 HOH 18 55 55 HOH HOH B . 
D 2 HOH 19 56 56 HOH HOH B . 
D 2 HOH 20 57 57 HOH HOH B . 
D 2 HOH 21 58 58 HOH HOH B . 
D 2 HOH 22 59 59 HOH HOH B . 
D 2 HOH 23 60 60 HOH HOH B . 
D 2 HOH 24 61 24 HOH HOH B . 
D 2 HOH 25 62 62 HOH HOH B . 
D 2 HOH 26 63 26 HOH HOH B . 
D 2 HOH 27 64 64 HOH HOH B . 
D 2 HOH 28 65 28 HOH HOH B . 
D 2 HOH 29 66 34 HOH HOH B . 
D 2 HOH 30 67 67 HOH HOH B . 
D 2 HOH 31 68 68 HOH HOH B . 
D 2 HOH 32 69 69 HOH HOH B . 
D 2 HOH 33 70 35 HOH HOH B . 
D 2 HOH 34 71 71 HOH HOH B . 
D 2 HOH 35 72 37 HOH HOH B . 
D 2 HOH 36 74 74 HOH HOH B . 
D 2 HOH 37 77 77 HOH HOH B . 
D 2 HOH 38 79 79 HOH HOH B . 
D 2 HOH 39 80 80 HOH HOH B . 
D 2 HOH 40 82 82 HOH HOH B . 
D 2 HOH 41 83 83 HOH HOH B . 
D 2 HOH 42 84 84 HOH HOH B . 
D 2 HOH 43 88 88 HOH HOH B . 
D 2 HOH 44 89 89 HOH HOH B . 
D 2 HOH 45 90 90 HOH HOH B . 
D 2 HOH 46 91 91 HOH HOH B . 
# 
_pdbx_struct_assembly.id                   1 
_pdbx_struct_assembly.details              author_and_software_defined_assembly 
_pdbx_struct_assembly.method_details       PISA 
_pdbx_struct_assembly.oligomeric_details   dimeric 
_pdbx_struct_assembly.oligomeric_count     2 
# 
_pdbx_struct_assembly_gen.assembly_id       1 
_pdbx_struct_assembly_gen.oper_expression   1 
_pdbx_struct_assembly_gen.asym_id_list      A,B,C,D 
# 
loop_
_pdbx_struct_assembly_prop.biol_id 
_pdbx_struct_assembly_prop.type 
_pdbx_struct_assembly_prop.value 
_pdbx_struct_assembly_prop.details 
1 'ABSA (A^2)' 1460 ? 
1 MORE         -15  ? 
1 'SSA (A^2)'  5230 ? 
# 
_pdbx_struct_oper_list.id                   1 
_pdbx_struct_oper_list.type                 'identity operation' 
_pdbx_struct_oper_list.name                 1_555 
_pdbx_struct_oper_list.symmetry_operation   x,y,z 
_pdbx_struct_oper_list.matrix[1][1]         1.0000000000 
_pdbx_struct_oper_list.matrix[1][2]         0.0000000000 
_pdbx_struct_oper_list.matrix[1][3]         0.0000000000 
_pdbx_struct_oper_list.vector[1]            0.0000000000 
_pdbx_struct_oper_list.matrix[2][1]         0.0000000000 
_pdbx_struct_oper_list.matrix[2][2]         1.0000000000 
_pdbx_struct_oper_list.matrix[2][3]         0.0000000000 
_pdbx_struct_oper_list.vector[2]            0.0000000000 
_pdbx_struct_oper_list.matrix[3][1]         0.0000000000 
_pdbx_struct_oper_list.matrix[3][2]         0.0000000000 
_pdbx_struct_oper_list.matrix[3][3]         1.0000000000 
_pdbx_struct_oper_list.vector[3]            0.0000000000 
# 
loop_
_pdbx_audit_revision_history.ordinal 
_pdbx_audit_revision_history.data_content_type 
_pdbx_audit_revision_history.major_revision 
_pdbx_audit_revision_history.minor_revision 
_pdbx_audit_revision_history.revision_date 
1 'Structure model' 1 0 2011-10-19 
2 'Structure model' 1 1 2017-06-14 
3 'Structure model' 1 2 2023-11-01 
# 
_pdbx_audit_revision_details.ordinal             1 
_pdbx_audit_revision_details.revision_ordinal    1 
_pdbx_audit_revision_details.data_content_type   'Structure model' 
_pdbx_audit_revision_details.provider            repository 
_pdbx_audit_revision_details.type                'Initial release' 
_pdbx_audit_revision_details.description         ? 
_pdbx_audit_revision_details.details             ? 
# 
loop_
_pdbx_audit_revision_group.ordinal 
_pdbx_audit_revision_group.revision_ordinal 
_pdbx_audit_revision_group.data_content_type 
_pdbx_audit_revision_group.group 
1 2 'Structure model' 'Source and taxonomy'    
2 2 'Structure model' 'Structure summary'      
3 3 'Structure model' 'Data collection'        
4 3 'Structure model' 'Database references'    
5 3 'Structure model' 'Refinement description' 
# 
loop_
_pdbx_audit_revision_category.ordinal 
_pdbx_audit_revision_category.revision_ordinal 
_pdbx_audit_revision_category.data_content_type 
_pdbx_audit_revision_category.category 
1 2 'Structure model' entity                        
2 2 'Structure model' pdbx_entity_src_syn           
3 3 'Structure model' chem_comp_atom                
4 3 'Structure model' chem_comp_bond                
5 3 'Structure model' database_2                    
6 3 'Structure model' pdbx_initial_refinement_model 
# 
loop_
_pdbx_audit_revision_item.ordinal 
_pdbx_audit_revision_item.revision_ordinal 
_pdbx_audit_revision_item.data_content_type 
_pdbx_audit_revision_item.item 
1 2 'Structure model' '_entity.pdbx_description'            
2 3 'Structure model' '_database_2.pdbx_DOI'                
3 3 'Structure model' '_database_2.pdbx_database_accession' 
# 
loop_
_software.name 
_software.classification 
_software.version 
_software.citation_id 
_software.pdbx_ordinal 
HKL-2000 'data collection' .        ? 1 
PHASES   phasing           .        ? 2 
REFMAC   refinement        5.5.0109 ? 3 
MOSFLM   'data reduction'  .        ? 4 
SCALA    'data scaling'    .        ? 5 
# 
loop_
_pdbx_validate_close_contact.id 
_pdbx_validate_close_contact.PDB_model_num 
_pdbx_validate_close_contact.auth_atom_id_1 
_pdbx_validate_close_contact.auth_asym_id_1 
_pdbx_validate_close_contact.auth_comp_id_1 
_pdbx_validate_close_contact.auth_seq_id_1 
_pdbx_validate_close_contact.PDB_ins_code_1 
_pdbx_validate_close_contact.label_alt_id_1 
_pdbx_validate_close_contact.auth_atom_id_2 
_pdbx_validate_close_contact.auth_asym_id_2 
_pdbx_validate_close_contact.auth_comp_id_2 
_pdbx_validate_close_contact.auth_seq_id_2 
_pdbx_validate_close_contact.PDB_ins_code_2 
_pdbx_validate_close_contact.label_alt_id_2 
_pdbx_validate_close_contact.dist 
1  1 O   A ASN 20 ? ? O A HOH 52 ? ? 1.74 
2  1 N   B VAL 27 ? ? O B HOH 42 ? ? 1.92 
3  1 O   B LEU 30 ? ? N B VAL 34 ? ? 1.97 
4  1 O   A HOH 42 ? ? O A HOH 53 ? ? 1.97 
5  1 CB  A ARG 10 ? ? O A HOH 48 ? ? 1.98 
6  1 N   B ARG 14 ? ? O B HOH 61 ? ? 2.04 
7  1 O   A HOH 45 ? ? O B HOH 60 ? ? 2.05 
8  1 O   A ARG 10 ? ? O A HOH 43 ? ? 2.05 
9  1 CA  B VAL 9  ? ? O B HOH 51 ? ? 2.10 
10 1 O   A VAL 9  ? ? O A HOH 61 ? ? 2.12 
11 1 CD1 A LEU 23 ? ? O A HOH 72 ? ? 2.14 
12 1 N   B VAL 27 ? ? O B HOH 69 ? ? 2.14 
13 1 O   B ARG 10 ? ? O B HOH 61 ? ? 2.18 
14 1 CA  A TYR 21 ? ? O A HOH 52 ? ? 2.18 
15 1 OE1 A GLU 26 ? ? O A HOH 45 ? ? 2.19 
# 
_pdbx_validate_symm_contact.id                1 
_pdbx_validate_symm_contact.PDB_model_num     1 
_pdbx_validate_symm_contact.auth_atom_id_1    N 
_pdbx_validate_symm_contact.auth_asym_id_1    A 
_pdbx_validate_symm_contact.auth_comp_id_1    GLY 
_pdbx_validate_symm_contact.auth_seq_id_1     35 
_pdbx_validate_symm_contact.PDB_ins_code_1    ? 
_pdbx_validate_symm_contact.label_alt_id_1    ? 
_pdbx_validate_symm_contact.site_symmetry_1   1_555 
_pdbx_validate_symm_contact.auth_atom_id_2    O 
_pdbx_validate_symm_contact.auth_asym_id_2    A 
_pdbx_validate_symm_contact.auth_comp_id_2    HOH 
_pdbx_validate_symm_contact.auth_seq_id_2     59 
_pdbx_validate_symm_contact.PDB_ins_code_2    ? 
_pdbx_validate_symm_contact.label_alt_id_2    ? 
_pdbx_validate_symm_contact.site_symmetry_2   1_565 
_pdbx_validate_symm_contact.dist              2.05 
# 
loop_
_pdbx_validate_torsion.id 
_pdbx_validate_torsion.PDB_model_num 
_pdbx_validate_torsion.auth_comp_id 
_pdbx_validate_torsion.auth_asym_id 
_pdbx_validate_torsion.auth_seq_id 
_pdbx_validate_torsion.PDB_ins_code 
_pdbx_validate_torsion.label_alt_id 
_pdbx_validate_torsion.phi 
_pdbx_validate_torsion.psi 
1 1 TYR A 21 ? ? -143.32 -11.44 
2 1 LEU A 33 ? ? -122.37 -61.87 
# 
loop_
_pdbx_unobs_or_zero_occ_residues.id 
_pdbx_unobs_or_zero_occ_residues.PDB_model_num 
_pdbx_unobs_or_zero_occ_residues.polymer_flag 
_pdbx_unobs_or_zero_occ_residues.occupancy_flag 
_pdbx_unobs_or_zero_occ_residues.auth_asym_id 
_pdbx_unobs_or_zero_occ_residues.auth_comp_id 
_pdbx_unobs_or_zero_occ_residues.auth_seq_id 
_pdbx_unobs_or_zero_occ_residues.PDB_ins_code 
_pdbx_unobs_or_zero_occ_residues.label_asym_id 
_pdbx_unobs_or_zero_occ_residues.label_comp_id 
_pdbx_unobs_or_zero_occ_residues.label_seq_id 
1  1 Y 1 A ALA 1  ? A ALA 1  
2  1 Y 1 A GLY 2  ? A GLY 2  
3  1 Y 1 A SER 3  ? A SER 3  
4  1 Y 1 A SER 4  ? A SER 4  
5  1 Y 1 A SER 5  ? A SER 5  
6  1 Y 1 A GLU 36 ? A GLU 36 
7  1 Y 1 A ARG 37 ? A ARG 37 
8  1 Y 1 B ALA 1  ? B ALA 1  
9  1 Y 1 B GLY 2  ? B GLY 2  
10 1 Y 1 B SER 3  ? B SER 3  
11 1 Y 1 B SER 4  ? B SER 4  
12 1 Y 1 B SER 5  ? B SER 5  
13 1 Y 1 B GLU 36 ? B GLU 36 
14 1 Y 1 B ARG 37 ? B ARG 37 
# 
loop_
_chem_comp_atom.comp_id 
_chem_comp_atom.atom_id 
_chem_comp_atom.type_symbol 
_chem_comp_atom.pdbx_aromatic_flag 
_chem_comp_atom.pdbx_stereo_config 
_chem_comp_atom.pdbx_ordinal 
ALA N    N N N 1   
ALA CA   C N S 2   
ALA C    C N N 3   
ALA O    O N N 4   
ALA CB   C N N 5   
ALA OXT  O N N 6   
ALA H    H N N 7   
ALA H2   H N N 8   
ALA HA   H N N 9   
ALA HB1  H N N 10  
ALA HB2  H N N 11  
ALA HB3  H N N 12  
ALA HXT  H N N 13  
ARG N    N N N 14  
ARG CA   C N S 15  
ARG C    C N N 16  
ARG O    O N N 17  
ARG CB   C N N 18  
ARG CG   C N N 19  
ARG CD   C N N 20  
ARG NE   N N N 21  
ARG CZ   C N N 22  
ARG NH1  N N N 23  
ARG NH2  N N N 24  
ARG OXT  O N N 25  
ARG H    H N N 26  
ARG H2   H N N 27  
ARG HA   H N N 28  
ARG HB2  H N N 29  
ARG HB3  H N N 30  
ARG HG2  H N N 31  
ARG HG3  H N N 32  
ARG HD2  H N N 33  
ARG HD3  H N N 34  
ARG HE   H N N 35  
ARG HH11 H N N 36  
ARG HH12 H N N 37  
ARG HH21 H N N 38  
ARG HH22 H N N 39  
ARG HXT  H N N 40  
ASN N    N N N 41  
ASN CA   C N S 42  
ASN C    C N N 43  
ASN O    O N N 44  
ASN CB   C N N 45  
ASN CG   C N N 46  
ASN OD1  O N N 47  
ASN ND2  N N N 48  
ASN OXT  O N N 49  
ASN H    H N N 50  
ASN H2   H N N 51  
ASN HA   H N N 52  
ASN HB2  H N N 53  
ASN HB3  H N N 54  
ASN HD21 H N N 55  
ASN HD22 H N N 56  
ASN HXT  H N N 57  
GLN N    N N N 58  
GLN CA   C N S 59  
GLN C    C N N 60  
GLN O    O N N 61  
GLN CB   C N N 62  
GLN CG   C N N 63  
GLN CD   C N N 64  
GLN OE1  O N N 65  
GLN NE2  N N N 66  
GLN OXT  O N N 67  
GLN H    H N N 68  
GLN H2   H N N 69  
GLN HA   H N N 70  
GLN HB2  H N N 71  
GLN HB3  H N N 72  
GLN HG2  H N N 73  
GLN HG3  H N N 74  
GLN HE21 H N N 75  
GLN HE22 H N N 76  
GLN HXT  H N N 77  
GLU N    N N N 78  
GLU CA   C N S 79  
GLU C    C N N 80  
GLU O    O N N 81  
GLU CB   C N N 82  
GLU CG   C N N 83  
GLU CD   C N N 84  
GLU OE1  O N N 85  
GLU OE2  O N N 86  
GLU OXT  O N N 87  
GLU H    H N N 88  
GLU H2   H N N 89  
GLU HA   H N N 90  
GLU HB2  H N N 91  
GLU HB3  H N N 92  
GLU HG2  H N N 93  
GLU HG3  H N N 94  
GLU HE2  H N N 95  
GLU HXT  H N N 96  
GLY N    N N N 97  
GLY CA   C N N 98  
GLY C    C N N 99  
GLY O    O N N 100 
GLY OXT  O N N 101 
GLY H    H N N 102 
GLY H2   H N N 103 
GLY HA2  H N N 104 
GLY HA3  H N N 105 
GLY HXT  H N N 106 
HIS N    N N N 107 
HIS CA   C N S 108 
HIS C    C N N 109 
HIS O    O N N 110 
HIS CB   C N N 111 
HIS CG   C Y N 112 
HIS ND1  N Y N 113 
HIS CD2  C Y N 114 
HIS CE1  C Y N 115 
HIS NE2  N Y N 116 
HIS OXT  O N N 117 
HIS H    H N N 118 
HIS H2   H N N 119 
HIS HA   H N N 120 
HIS HB2  H N N 121 
HIS HB3  H N N 122 
HIS HD1  H N N 123 
HIS HD2  H N N 124 
HIS HE1  H N N 125 
HIS HE2  H N N 126 
HIS HXT  H N N 127 
HOH O    O N N 128 
HOH H1   H N N 129 
HOH H2   H N N 130 
ILE N    N N N 131 
ILE CA   C N S 132 
ILE C    C N N 133 
ILE O    O N N 134 
ILE CB   C N S 135 
ILE CG1  C N N 136 
ILE CG2  C N N 137 
ILE CD1  C N N 138 
ILE OXT  O N N 139 
ILE H    H N N 140 
ILE H2   H N N 141 
ILE HA   H N N 142 
ILE HB   H N N 143 
ILE HG12 H N N 144 
ILE HG13 H N N 145 
ILE HG21 H N N 146 
ILE HG22 H N N 147 
ILE HG23 H N N 148 
ILE HD11 H N N 149 
ILE HD12 H N N 150 
ILE HD13 H N N 151 
ILE HXT  H N N 152 
LEU N    N N N 153 
LEU CA   C N S 154 
LEU C    C N N 155 
LEU O    O N N 156 
LEU CB   C N N 157 
LEU CG   C N N 158 
LEU CD1  C N N 159 
LEU CD2  C N N 160 
LEU OXT  O N N 161 
LEU H    H N N 162 
LEU H2   H N N 163 
LEU HA   H N N 164 
LEU HB2  H N N 165 
LEU HB3  H N N 166 
LEU HG   H N N 167 
LEU HD11 H N N 168 
LEU HD12 H N N 169 
LEU HD13 H N N 170 
LEU HD21 H N N 171 
LEU HD22 H N N 172 
LEU HD23 H N N 173 
LEU HXT  H N N 174 
LYS N    N N N 175 
LYS CA   C N S 176 
LYS C    C N N 177 
LYS O    O N N 178 
LYS CB   C N N 179 
LYS CG   C N N 180 
LYS CD   C N N 181 
LYS CE   C N N 182 
LYS NZ   N N N 183 
LYS OXT  O N N 184 
LYS H    H N N 185 
LYS H2   H N N 186 
LYS HA   H N N 187 
LYS HB2  H N N 188 
LYS HB3  H N N 189 
LYS HG2  H N N 190 
LYS HG3  H N N 191 
LYS HD2  H N N 192 
LYS HD3  H N N 193 
LYS HE2  H N N 194 
LYS HE3  H N N 195 
LYS HZ1  H N N 196 
LYS HZ2  H N N 197 
LYS HZ3  H N N 198 
LYS HXT  H N N 199 
SER N    N N N 200 
SER CA   C N S 201 
SER C    C N N 202 
SER O    O N N 203 
SER CB   C N N 204 
SER OG   O N N 205 
SER OXT  O N N 206 
SER H    H N N 207 
SER H2   H N N 208 
SER HA   H N N 209 
SER HB2  H N N 210 
SER HB3  H N N 211 
SER HG   H N N 212 
SER HXT  H N N 213 
TYR N    N N N 214 
TYR CA   C N S 215 
TYR C    C N N 216 
TYR O    O N N 217 
TYR CB   C N N 218 
TYR CG   C Y N 219 
TYR CD1  C Y N 220 
TYR CD2  C Y N 221 
TYR CE1  C Y N 222 
TYR CE2  C Y N 223 
TYR CZ   C Y N 224 
TYR OH   O N N 225 
TYR OXT  O N N 226 
TYR H    H N N 227 
TYR H2   H N N 228 
TYR HA   H N N 229 
TYR HB2  H N N 230 
TYR HB3  H N N 231 
TYR HD1  H N N 232 
TYR HD2  H N N 233 
TYR HE1  H N N 234 
TYR HE2  H N N 235 
TYR HH   H N N 236 
TYR HXT  H N N 237 
VAL N    N N N 238 
VAL CA   C N S 239 
VAL C    C N N 240 
VAL O    O N N 241 
VAL CB   C N N 242 
VAL CG1  C N N 243 
VAL CG2  C N N 244 
VAL OXT  O N N 245 
VAL H    H N N 246 
VAL H2   H N N 247 
VAL HA   H N N 248 
VAL HB   H N N 249 
VAL HG11 H N N 250 
VAL HG12 H N N 251 
VAL HG13 H N N 252 
VAL HG21 H N N 253 
VAL HG22 H N N 254 
VAL HG23 H N N 255 
VAL HXT  H N N 256 
# 
loop_
_chem_comp_bond.comp_id 
_chem_comp_bond.atom_id_1 
_chem_comp_bond.atom_id_2 
_chem_comp_bond.value_order 
_chem_comp_bond.pdbx_aromatic_flag 
_chem_comp_bond.pdbx_stereo_config 
_chem_comp_bond.pdbx_ordinal 
ALA N   CA   sing N N 1   
ALA N   H    sing N N 2   
ALA N   H2   sing N N 3   
ALA CA  C    sing N N 4   
ALA CA  CB   sing N N 5   
ALA CA  HA   sing N N 6   
ALA C   O    doub N N 7   
ALA C   OXT  sing N N 8   
ALA CB  HB1  sing N N 9   
ALA CB  HB2  sing N N 10  
ALA CB  HB3  sing N N 11  
ALA OXT HXT  sing N N 12  
ARG N   CA   sing N N 13  
ARG N   H    sing N N 14  
ARG N   H2   sing N N 15  
ARG CA  C    sing N N 16  
ARG CA  CB   sing N N 17  
ARG CA  HA   sing N N 18  
ARG C   O    doub N N 19  
ARG C   OXT  sing N N 20  
ARG CB  CG   sing N N 21  
ARG CB  HB2  sing N N 22  
ARG CB  HB3  sing N N 23  
ARG CG  CD   sing N N 24  
ARG CG  HG2  sing N N 25  
ARG CG  HG3  sing N N 26  
ARG CD  NE   sing N N 27  
ARG CD  HD2  sing N N 28  
ARG CD  HD3  sing N N 29  
ARG NE  CZ   sing N N 30  
ARG NE  HE   sing N N 31  
ARG CZ  NH1  sing N N 32  
ARG CZ  NH2  doub N N 33  
ARG NH1 HH11 sing N N 34  
ARG NH1 HH12 sing N N 35  
ARG NH2 HH21 sing N N 36  
ARG NH2 HH22 sing N N 37  
ARG OXT HXT  sing N N 38  
ASN N   CA   sing N N 39  
ASN N   H    sing N N 40  
ASN N   H2   sing N N 41  
ASN CA  C    sing N N 42  
ASN CA  CB   sing N N 43  
ASN CA  HA   sing N N 44  
ASN C   O    doub N N 45  
ASN C   OXT  sing N N 46  
ASN CB  CG   sing N N 47  
ASN CB  HB2  sing N N 48  
ASN CB  HB3  sing N N 49  
ASN CG  OD1  doub N N 50  
ASN CG  ND2  sing N N 51  
ASN ND2 HD21 sing N N 52  
ASN ND2 HD22 sing N N 53  
ASN OXT HXT  sing N N 54  
GLN N   CA   sing N N 55  
GLN N   H    sing N N 56  
GLN N   H2   sing N N 57  
GLN CA  C    sing N N 58  
GLN CA  CB   sing N N 59  
GLN CA  HA   sing N N 60  
GLN C   O    doub N N 61  
GLN C   OXT  sing N N 62  
GLN CB  CG   sing N N 63  
GLN CB  HB2  sing N N 64  
GLN CB  HB3  sing N N 65  
GLN CG  CD   sing N N 66  
GLN CG  HG2  sing N N 67  
GLN CG  HG3  sing N N 68  
GLN CD  OE1  doub N N 69  
GLN CD  NE2  sing N N 70  
GLN NE2 HE21 sing N N 71  
GLN NE2 HE22 sing N N 72  
GLN OXT HXT  sing N N 73  
GLU N   CA   sing N N 74  
GLU N   H    sing N N 75  
GLU N   H2   sing N N 76  
GLU CA  C    sing N N 77  
GLU CA  CB   sing N N 78  
GLU CA  HA   sing N N 79  
GLU C   O    doub N N 80  
GLU C   OXT  sing N N 81  
GLU CB  CG   sing N N 82  
GLU CB  HB2  sing N N 83  
GLU CB  HB3  sing N N 84  
GLU CG  CD   sing N N 85  
GLU CG  HG2  sing N N 86  
GLU CG  HG3  sing N N 87  
GLU CD  OE1  doub N N 88  
GLU CD  OE2  sing N N 89  
GLU OE2 HE2  sing N N 90  
GLU OXT HXT  sing N N 91  
GLY N   CA   sing N N 92  
GLY N   H    sing N N 93  
GLY N   H2   sing N N 94  
GLY CA  C    sing N N 95  
GLY CA  HA2  sing N N 96  
GLY CA  HA3  sing N N 97  
GLY C   O    doub N N 98  
GLY C   OXT  sing N N 99  
GLY OXT HXT  sing N N 100 
HIS N   CA   sing N N 101 
HIS N   H    sing N N 102 
HIS N   H2   sing N N 103 
HIS CA  C    sing N N 104 
HIS CA  CB   sing N N 105 
HIS CA  HA   sing N N 106 
HIS C   O    doub N N 107 
HIS C   OXT  sing N N 108 
HIS CB  CG   sing N N 109 
HIS CB  HB2  sing N N 110 
HIS CB  HB3  sing N N 111 
HIS CG  ND1  sing Y N 112 
HIS CG  CD2  doub Y N 113 
HIS ND1 CE1  doub Y N 114 
HIS ND1 HD1  sing N N 115 
HIS CD2 NE2  sing Y N 116 
HIS CD2 HD2  sing N N 117 
HIS CE1 NE2  sing Y N 118 
HIS CE1 HE1  sing N N 119 
HIS NE2 HE2  sing N N 120 
HIS OXT HXT  sing N N 121 
HOH O   H1   sing N N 122 
HOH O   H2   sing N N 123 
ILE N   CA   sing N N 124 
ILE N   H    sing N N 125 
ILE N   H2   sing N N 126 
ILE CA  C    sing N N 127 
ILE CA  CB   sing N N 128 
ILE CA  HA   sing N N 129 
ILE C   O    doub N N 130 
ILE C   OXT  sing N N 131 
ILE CB  CG1  sing N N 132 
ILE CB  CG2  sing N N 133 
ILE CB  HB   sing N N 134 
ILE CG1 CD1  sing N N 135 
ILE CG1 HG12 sing N N 136 
ILE CG1 HG13 sing N N 137 
ILE CG2 HG21 sing N N 138 
ILE CG2 HG22 sing N N 139 
ILE CG2 HG23 sing N N 140 
ILE CD1 HD11 sing N N 141 
ILE CD1 HD12 sing N N 142 
ILE CD1 HD13 sing N N 143 
ILE OXT HXT  sing N N 144 
LEU N   CA   sing N N 145 
LEU N   H    sing N N 146 
LEU N   H2   sing N N 147 
LEU CA  C    sing N N 148 
LEU CA  CB   sing N N 149 
LEU CA  HA   sing N N 150 
LEU C   O    doub N N 151 
LEU C   OXT  sing N N 152 
LEU CB  CG   sing N N 153 
LEU CB  HB2  sing N N 154 
LEU CB  HB3  sing N N 155 
LEU CG  CD1  sing N N 156 
LEU CG  CD2  sing N N 157 
LEU CG  HG   sing N N 158 
LEU CD1 HD11 sing N N 159 
LEU CD1 HD12 sing N N 160 
LEU CD1 HD13 sing N N 161 
LEU CD2 HD21 sing N N 162 
LEU CD2 HD22 sing N N 163 
LEU CD2 HD23 sing N N 164 
LEU OXT HXT  sing N N 165 
LYS N   CA   sing N N 166 
LYS N   H    sing N N 167 
LYS N   H2   sing N N 168 
LYS CA  C    sing N N 169 
LYS CA  CB   sing N N 170 
LYS CA  HA   sing N N 171 
LYS C   O    doub N N 172 
LYS C   OXT  sing N N 173 
LYS CB  CG   sing N N 174 
LYS CB  HB2  sing N N 175 
LYS CB  HB3  sing N N 176 
LYS CG  CD   sing N N 177 
LYS CG  HG2  sing N N 178 
LYS CG  HG3  sing N N 179 
LYS CD  CE   sing N N 180 
LYS CD  HD2  sing N N 181 
LYS CD  HD3  sing N N 182 
LYS CE  NZ   sing N N 183 
LYS CE  HE2  sing N N 184 
LYS CE  HE3  sing N N 185 
LYS NZ  HZ1  sing N N 186 
LYS NZ  HZ2  sing N N 187 
LYS NZ  HZ3  sing N N 188 
LYS OXT HXT  sing N N 189 
SER N   CA   sing N N 190 
SER N   H    sing N N 191 
SER N   H2   sing N N 192 
SER CA  C    sing N N 193 
SER CA  CB   sing N N 194 
SER CA  HA   sing N N 195 
SER C   O    doub N N 196 
SER C   OXT  sing N N 197 
SER CB  OG   sing N N 198 
SER CB  HB2  sing N N 199 
SER CB  HB3  sing N N 200 
SER OG  HG   sing N N 201 
SER OXT HXT  sing N N 202 
TYR N   CA   sing N N 203 
TYR N   H    sing N N 204 
TYR N   H2   sing N N 205 
TYR CA  C    sing N N 206 
TYR CA  CB   sing N N 207 
TYR CA  HA   sing N N 208 
TYR C   O    doub N N 209 
TYR C   OXT  sing N N 210 
TYR CB  CG   sing N N 211 
TYR CB  HB2  sing N N 212 
TYR CB  HB3  sing N N 213 
TYR CG  CD1  doub Y N 214 
TYR CG  CD2  sing Y N 215 
TYR CD1 CE1  sing Y N 216 
TYR CD1 HD1  sing N N 217 
TYR CD2 CE2  doub Y N 218 
TYR CD2 HD2  sing N N 219 
TYR CE1 CZ   doub Y N 220 
TYR CE1 HE1  sing N N 221 
TYR CE2 CZ   sing Y N 222 
TYR CE2 HE2  sing N N 223 
TYR CZ  OH   sing N N 224 
TYR OH  HH   sing N N 225 
TYR OXT HXT  sing N N 226 
VAL N   CA   sing N N 227 
VAL N   H    sing N N 228 
VAL N   H2   sing N N 229 
VAL CA  C    sing N N 230 
VAL CA  CB   sing N N 231 
VAL CA  HA   sing N N 232 
VAL C   O    doub N N 233 
VAL C   OXT  sing N N 234 
VAL CB  CG1  sing N N 235 
VAL CB  CG2  sing N N 236 
VAL CB  HB   sing N N 237 
VAL CG1 HG11 sing N N 238 
VAL CG1 HG12 sing N N 239 
VAL CG1 HG13 sing N N 240 
VAL CG2 HG21 sing N N 241 
VAL CG2 HG22 sing N N 242 
VAL CG2 HG23 sing N N 243 
VAL OXT HXT  sing N N 244 
# 
_pdbx_entity_nonpoly.entity_id   2 
_pdbx_entity_nonpoly.name        water 
_pdbx_entity_nonpoly.comp_id     HOH 
# 
_pdbx_initial_refinement_model.id               1 
_pdbx_initial_refinement_model.entity_id_list   ? 
_pdbx_initial_refinement_model.type             'experimental model' 
_pdbx_initial_refinement_model.source_name      PDB 
_pdbx_initial_refinement_model.accession_code   1IHQ 
_pdbx_initial_refinement_model.details          '1IHQ model1' 
# 
